data_7T63
#
_entry.id   7T63
#
_cell.length_a   100.896
_cell.length_b   129.700
_cell.length_c   62.996
_cell.angle_alpha   90.000
_cell.angle_beta   90.000
_cell.angle_gamma   90.000
#
_symmetry.space_group_name_H-M   'P 21 21 2'
#
loop_
_entity.id
_entity.type
_entity.pdbx_description
1 polymer DESATURASE
2 non-polymer 'FE (II) ION'
3 water water
#
_entity_poly.entity_id   1
_entity_poly.type   'polypeptide(L)'
_entity_poly.pdbx_seq_one_letter_code
;SKAKRLSSPRVRTHPMAPEKAEIFNSLHGWFEDNILPFLKPVEESWQPTDFLPDSTSDGFHQQVEELRRRTAELPDDYLV
ALVGAMVTEEALPTYQTMLNTADVVHDESGASPLPWAVWTRAWTAEENRHGEIVNKYLYLSGRVDMKQIEKTIQYLIGSG
MDPGTDNNPYLGFIYTSYQERATAISHGSLGRLARQKGELRLAQICGTISADEKRHEAAYTRIVEKLFEMDPEGTMLALE
DMMKKKIVMPSHLMHDGKDPDLFQHFSAVSQRLGIYTAREYTDVLEHLIARWGVDKIMGLRDEGRRAQDYVCGLPSRFRR
VEEKAQAWAEKVSHVPFSWVFGRTV
;
_entity_poly.pdbx_strand_id   A,B
#
# COMPACT_ATOMS: atom_id res chain seq x y z
N VAL A 11 -1.01 12.67 22.06
CA VAL A 11 -1.62 13.94 22.40
C VAL A 11 -1.80 14.80 21.16
N ARG A 12 -3.05 15.09 20.81
CA ARG A 12 -3.37 15.95 19.68
C ARG A 12 -3.45 17.39 20.15
N THR A 13 -2.64 18.26 19.55
CA THR A 13 -2.61 19.66 19.94
C THR A 13 -3.60 20.53 19.19
N HIS A 14 -4.09 20.07 18.04
CA HIS A 14 -4.95 20.89 17.18
C HIS A 14 -5.96 19.99 16.47
N PRO A 15 -6.90 19.41 17.22
CA PRO A 15 -7.96 18.64 16.56
C PRO A 15 -8.97 19.56 15.89
N MET A 16 -9.63 19.03 14.87
CA MET A 16 -10.61 19.82 14.13
C MET A 16 -11.90 19.93 14.92
N ALA A 17 -12.45 21.13 14.99
CA ALA A 17 -13.75 21.33 15.62
C ALA A 17 -14.81 20.55 14.85
N PRO A 18 -15.76 19.91 15.54
CA PRO A 18 -16.74 19.07 14.83
C PRO A 18 -17.62 19.85 13.87
N GLU A 19 -17.88 21.13 14.13
CA GLU A 19 -18.72 21.92 13.24
C GLU A 19 -18.05 22.22 11.91
N LYS A 20 -16.74 22.00 11.79
CA LYS A 20 -16.05 22.20 10.52
C LYS A 20 -16.39 21.12 9.49
N ALA A 21 -17.07 20.05 9.92
CA ALA A 21 -17.51 19.01 8.98
C ALA A 21 -18.43 19.58 7.90
N GLU A 22 -19.25 20.58 8.24
CA GLU A 22 -20.17 21.15 7.26
C GLU A 22 -19.44 21.82 6.11
N ILE A 23 -18.21 22.31 6.35
CA ILE A 23 -17.43 22.93 5.28
C ILE A 23 -17.05 21.88 4.23
N PHE A 24 -16.50 20.75 4.68
CA PHE A 24 -16.06 19.73 3.73
C PHE A 24 -17.24 19.03 3.06
N ASN A 25 -18.36 18.87 3.77
CA ASN A 25 -19.54 18.26 3.18
C ASN A 25 -20.17 19.14 2.10
N SER A 26 -19.88 20.44 2.11
CA SER A 26 -20.40 21.36 1.10
C SER A 26 -19.49 21.45 -0.12
N LEU A 27 -18.35 20.75 -0.11
CA LEU A 27 -17.36 20.86 -1.17
C LEU A 27 -17.32 19.64 -2.08
N HIS A 28 -18.31 18.74 -1.98
CA HIS A 28 -18.29 17.53 -2.80
C HIS A 28 -18.37 17.87 -4.28
N GLY A 29 -19.30 18.76 -4.64
CA GLY A 29 -19.40 19.18 -6.03
C GLY A 29 -18.19 19.99 -6.47
N TRP A 30 -17.72 20.89 -5.61
CA TRP A 30 -16.53 21.68 -5.92
C TRP A 30 -15.30 20.79 -6.07
N PHE A 31 -15.16 19.78 -5.21
CA PHE A 31 -13.99 18.90 -5.28
C PHE A 31 -13.96 18.14 -6.60
N GLU A 32 -15.12 17.64 -7.04
CA GLU A 32 -15.18 16.92 -8.32
C GLU A 32 -14.79 17.83 -9.48
N ASP A 33 -15.23 19.08 -9.46
CA ASP A 33 -15.01 19.98 -10.59
C ASP A 33 -13.60 20.56 -10.60
N ASN A 34 -12.93 20.66 -9.44
CA ASN A 34 -11.70 21.42 -9.34
C ASN A 34 -10.49 20.60 -8.94
N ILE A 35 -10.65 19.53 -8.15
CA ILE A 35 -9.52 18.76 -7.63
C ILE A 35 -9.32 17.46 -8.41
N LEU A 36 -10.39 16.73 -8.67
CA LEU A 36 -10.28 15.49 -9.43
C LEU A 36 -9.64 15.65 -10.81
N PRO A 37 -9.88 16.74 -11.56
CA PRO A 37 -9.15 16.90 -12.85
C PRO A 37 -7.64 16.90 -12.73
N PHE A 38 -7.09 17.08 -11.52
CA PHE A 38 -5.64 17.02 -11.36
C PHE A 38 -5.10 15.60 -11.49
N LEU A 39 -5.97 14.58 -11.40
CA LEU A 39 -5.53 13.21 -11.61
C LEU A 39 -5.25 12.95 -13.08
N LYS A 40 -4.22 12.16 -13.33
CA LYS A 40 -3.92 11.77 -14.70
C LYS A 40 -4.64 10.48 -15.04
N PRO A 41 -5.42 10.43 -16.12
CA PRO A 41 -6.11 9.19 -16.49
C PRO A 41 -5.12 8.04 -16.66
N VAL A 42 -5.57 6.84 -16.27
CA VAL A 42 -4.68 5.68 -16.26
C VAL A 42 -4.19 5.37 -17.67
N GLU A 43 -5.08 5.47 -18.66
CA GLU A 43 -4.68 5.19 -20.04
C GLU A 43 -3.67 6.20 -20.57
N GLU A 44 -3.58 7.38 -19.97
CA GLU A 44 -2.63 8.41 -20.37
C GLU A 44 -1.44 8.49 -19.43
N SER A 45 -1.38 7.65 -18.42
CA SER A 45 -0.32 7.73 -17.41
C SER A 45 0.86 6.86 -17.80
N TRP A 46 2.06 7.36 -17.50
CA TRP A 46 3.26 6.57 -17.68
C TRP A 46 3.27 5.39 -16.70
N GLN A 47 3.98 4.34 -17.07
CA GLN A 47 4.14 3.15 -16.25
C GLN A 47 5.61 2.80 -16.18
N PRO A 48 6.04 2.09 -15.13
CA PRO A 48 7.45 1.70 -15.01
C PRO A 48 7.99 0.96 -16.23
N THR A 49 7.14 0.22 -16.94
CA THR A 49 7.57 -0.48 -18.15
C THR A 49 8.14 0.48 -19.18
N ASP A 50 7.60 1.70 -19.25
CA ASP A 50 8.03 2.67 -20.26
C ASP A 50 9.49 3.07 -20.08
N PHE A 51 10.05 2.94 -18.88
CA PHE A 51 11.40 3.39 -18.59
C PHE A 51 12.35 2.26 -18.27
N LEU A 52 11.91 1.01 -18.38
CA LEU A 52 12.72 -0.16 -18.08
C LEU A 52 13.03 -0.94 -19.34
N PRO A 53 14.09 -1.76 -19.31
CA PRO A 53 14.37 -2.63 -20.47
C PRO A 53 13.17 -3.51 -20.78
N ASP A 54 12.91 -3.69 -22.07
CA ASP A 54 11.75 -4.45 -22.54
C ASP A 54 12.09 -5.95 -22.44
N SER A 55 11.43 -6.64 -21.52
CA SER A 55 11.71 -8.05 -21.29
C SER A 55 11.10 -8.96 -22.34
N THR A 56 10.21 -8.46 -23.19
CA THR A 56 9.67 -9.23 -24.29
C THR A 56 10.48 -9.09 -25.57
N SER A 57 11.47 -8.20 -25.58
CA SER A 57 12.26 -7.91 -26.77
C SER A 57 13.52 -8.79 -26.81
N ASP A 58 14.03 -8.98 -28.02
CA ASP A 58 15.28 -9.72 -28.19
C ASP A 58 16.48 -8.96 -27.66
N GLY A 59 16.40 -7.63 -27.57
CA GLY A 59 17.49 -6.83 -27.06
C GLY A 59 17.39 -6.57 -25.58
N PHE A 60 16.62 -7.41 -24.88
CA PHE A 60 16.45 -7.25 -23.43
C PHE A 60 17.79 -7.28 -22.70
N HIS A 61 18.60 -8.29 -22.97
CA HIS A 61 19.90 -8.39 -22.31
C HIS A 61 20.80 -7.21 -22.66
N GLN A 62 20.72 -6.73 -23.90
CA GLN A 62 21.51 -5.57 -24.28
C GLN A 62 21.02 -4.31 -23.59
N GLN A 63 19.71 -4.17 -23.44
CA GLN A 63 19.15 -3.02 -22.74
C GLN A 63 19.51 -3.05 -21.26
N VAL A 64 19.50 -4.24 -20.65
CA VAL A 64 19.90 -4.35 -19.25
C VAL A 64 21.39 -4.01 -19.09
N GLU A 65 22.23 -4.50 -19.99
CA GLU A 65 23.66 -4.21 -19.90
C GLU A 65 23.94 -2.73 -20.10
N GLU A 66 23.21 -2.08 -21.00
CA GLU A 66 23.39 -0.65 -21.20
C GLU A 66 22.94 0.13 -19.96
N LEU A 67 21.89 -0.35 -19.29
CA LEU A 67 21.47 0.25 -18.03
C LEU A 67 22.57 0.15 -16.98
N ARG A 68 23.22 -1.01 -16.89
CA ARG A 68 24.27 -1.20 -15.91
C ARG A 68 25.50 -0.36 -16.23
N ARG A 69 25.75 -0.09 -17.51
CA ARG A 69 26.89 0.75 -17.88
C ARG A 69 26.68 2.19 -17.42
N ARG A 70 25.46 2.72 -17.61
CA ARG A 70 25.19 4.10 -17.21
C ARG A 70 25.21 4.26 -15.70
N THR A 71 24.85 3.22 -14.96
CA THR A 71 24.83 3.27 -13.50
C THR A 71 26.12 2.81 -12.85
N ALA A 72 27.08 2.28 -13.63
CA ALA A 72 28.30 1.74 -13.04
C ALA A 72 29.19 2.82 -12.44
N GLU A 73 29.00 4.07 -12.83
CA GLU A 73 29.84 5.17 -12.36
C GLU A 73 29.14 6.08 -11.36
N LEU A 74 27.90 5.80 -11.03
CA LEU A 74 27.18 6.60 -10.04
C LEU A 74 27.88 6.53 -8.69
N PRO A 75 28.25 7.66 -8.08
CA PRO A 75 28.97 7.62 -6.81
C PRO A 75 28.06 7.15 -5.67
N ASP A 76 28.72 6.78 -4.57
CA ASP A 76 27.99 6.23 -3.43
C ASP A 76 27.05 7.24 -2.81
N ASP A 77 27.46 8.51 -2.76
CA ASP A 77 26.62 9.53 -2.14
C ASP A 77 25.34 9.76 -2.92
N TYR A 78 25.40 9.68 -4.26
CA TYR A 78 24.18 9.81 -5.05
C TYR A 78 23.29 8.57 -4.89
N LEU A 79 23.89 7.39 -4.83
CA LEU A 79 23.12 6.17 -4.62
C LEU A 79 22.35 6.22 -3.31
N VAL A 80 23.00 6.69 -2.24
CA VAL A 80 22.34 6.77 -0.94
C VAL A 80 21.16 7.75 -0.99
N ALA A 81 21.37 8.91 -1.63
CA ALA A 81 20.29 9.88 -1.76
C ALA A 81 19.14 9.32 -2.60
N LEU A 82 19.48 8.60 -3.68
CA LEU A 82 18.45 8.04 -4.54
C LEU A 82 17.69 6.91 -3.84
N VAL A 83 18.41 6.03 -3.14
CA VAL A 83 17.77 4.91 -2.45
C VAL A 83 16.83 5.41 -1.38
N GLY A 84 17.27 6.39 -0.58
CA GLY A 84 16.43 6.92 0.48
C GLY A 84 15.15 7.54 -0.03
N ALA A 85 15.20 8.19 -1.20
CA ALA A 85 13.98 8.70 -1.79
C ALA A 85 13.08 7.57 -2.28
N MET A 86 13.68 6.49 -2.80
CA MET A 86 12.88 5.35 -3.23
C MET A 86 12.24 4.64 -2.04
N VAL A 87 13.01 4.46 -0.95
CA VAL A 87 12.47 3.82 0.23
C VAL A 87 11.30 4.62 0.79
N THR A 88 11.40 5.95 0.75
CA THR A 88 10.28 6.80 1.14
C THR A 88 9.06 6.52 0.27
N GLU A 89 9.27 6.38 -1.05
CA GLU A 89 8.17 6.07 -1.95
C GLU A 89 7.57 4.70 -1.66
N GLU A 90 8.40 3.74 -1.28
CA GLU A 90 7.94 2.37 -1.07
C GLU A 90 7.08 2.22 0.17
N ALA A 91 7.09 3.21 1.07
CA ALA A 91 6.24 3.18 2.26
C ALA A 91 4.85 3.72 1.97
N LEU A 92 4.42 3.63 0.70
CA LEU A 92 3.12 4.15 0.29
C LEU A 92 1.94 3.68 1.15
N PRO A 93 1.81 2.38 1.50
CA PRO A 93 0.66 1.97 2.33
C PRO A 93 0.49 2.78 3.60
N THR A 94 1.57 3.31 4.17
CA THR A 94 1.45 4.20 5.32
C THR A 94 0.78 5.51 4.94
N TYR A 95 1.00 5.98 3.71
CA TYR A 95 0.54 7.31 3.33
C TYR A 95 -0.96 7.34 3.03
N GLN A 96 -1.49 6.31 2.39
CA GLN A 96 -2.94 6.24 2.18
C GLN A 96 -3.67 6.11 3.50
N THR A 97 -3.10 5.36 4.45
CA THR A 97 -3.66 5.31 5.79
C THR A 97 -3.65 6.68 6.43
N MET A 98 -2.55 7.43 6.26
CA MET A 98 -2.44 8.78 6.81
C MET A 98 -3.54 9.69 6.27
N LEU A 99 -3.77 9.65 4.96
CA LEU A 99 -4.85 10.46 4.38
C LEU A 99 -6.21 10.04 4.91
N ASN A 100 -6.38 8.76 5.23
CA ASN A 100 -7.64 8.24 5.74
C ASN A 100 -7.76 8.32 7.25
N THR A 101 -6.82 8.98 7.93
CA THR A 101 -7.00 9.32 9.33
C THR A 101 -7.69 10.66 9.53
N ALA A 102 -7.84 11.45 8.47
CA ALA A 102 -8.47 12.76 8.59
C ALA A 102 -9.98 12.61 8.80
N ASP A 103 -10.52 13.43 9.69
CA ASP A 103 -11.94 13.40 9.97
C ASP A 103 -12.75 13.80 8.74
N VAL A 104 -13.95 13.22 8.64
CA VAL A 104 -14.97 13.58 7.65
C VAL A 104 -14.58 13.16 6.24
N VAL A 105 -13.36 13.51 5.81
CA VAL A 105 -12.97 13.31 4.42
C VAL A 105 -12.31 11.95 4.17
N HIS A 106 -12.20 11.11 5.19
CA HIS A 106 -11.55 9.82 5.01
C HIS A 106 -12.46 8.84 4.27
N ASP A 107 -11.84 7.79 3.73
CA ASP A 107 -12.55 6.72 3.05
C ASP A 107 -13.11 5.77 4.11
N GLU A 108 -14.43 5.81 4.32
CA GLU A 108 -15.02 5.05 5.41
C GLU A 108 -15.13 3.56 5.10
N SER A 109 -15.33 3.19 3.82
CA SER A 109 -15.57 1.81 3.45
C SER A 109 -14.46 1.21 2.59
N GLY A 110 -13.45 1.99 2.21
CA GLY A 110 -12.39 1.53 1.34
C GLY A 110 -12.70 1.64 -0.14
N ALA A 111 -13.98 1.84 -0.50
CA ALA A 111 -14.37 2.06 -1.89
C ALA A 111 -15.47 3.11 -1.96
N SER A 112 -15.44 4.08 -1.06
CA SER A 112 -16.49 5.09 -1.00
C SER A 112 -16.48 5.95 -2.26
N PRO A 113 -17.65 6.28 -2.80
CA PRO A 113 -17.71 7.15 -3.98
C PRO A 113 -17.58 8.63 -3.67
N LEU A 114 -17.42 9.00 -2.40
CA LEU A 114 -17.23 10.40 -2.05
C LEU A 114 -15.99 10.95 -2.74
N PRO A 115 -16.04 12.18 -3.25
CA PRO A 115 -14.90 12.70 -4.03
C PRO A 115 -13.58 12.72 -3.27
N TRP A 116 -13.62 12.97 -1.96
CA TRP A 116 -12.39 12.95 -1.17
C TRP A 116 -11.74 11.58 -1.20
N ALA A 117 -12.54 10.51 -1.11
CA ALA A 117 -12.00 9.16 -1.13
C ALA A 117 -11.59 8.72 -2.53
N VAL A 118 -12.32 9.17 -3.56
CA VAL A 118 -11.93 8.88 -4.93
C VAL A 118 -10.53 9.42 -5.21
N TRP A 119 -10.25 10.63 -4.72
CA TRP A 119 -8.91 11.21 -4.89
C TRP A 119 -7.86 10.39 -4.16
N THR A 120 -8.13 10.03 -2.90
CA THR A 120 -7.14 9.33 -2.09
C THR A 120 -6.73 8.01 -2.72
N ARG A 121 -7.70 7.24 -3.20
CA ARG A 121 -7.37 5.96 -3.84
C ARG A 121 -6.61 6.18 -5.13
N ALA A 122 -7.07 7.12 -5.97
CA ALA A 122 -6.40 7.38 -7.23
C ALA A 122 -5.02 7.99 -7.02
N TRP A 123 -4.89 8.86 -6.01
CA TRP A 123 -3.57 9.39 -5.68
C TRP A 123 -2.63 8.28 -5.24
N THR A 124 -3.12 7.36 -4.40
CA THR A 124 -2.31 6.21 -4.00
C THR A 124 -1.91 5.37 -5.21
N ALA A 125 -2.83 5.21 -6.17
CA ALA A 125 -2.52 4.43 -7.36
C ALA A 125 -1.41 5.08 -8.19
N GLU A 126 -1.43 6.41 -8.30
CA GLU A 126 -0.34 7.11 -8.99
C GLU A 126 0.97 6.96 -8.22
N GLU A 127 0.90 7.01 -6.90
CA GLU A 127 2.08 6.89 -6.06
C GLU A 127 2.75 5.53 -6.17
N ASN A 128 1.96 4.50 -6.45
CA ASN A 128 2.51 3.14 -6.47
C ASN A 128 3.58 2.96 -7.53
N ARG A 129 3.54 3.78 -8.59
CA ARG A 129 4.50 3.66 -9.68
C ARG A 129 5.83 4.36 -9.39
N HIS A 130 5.86 5.26 -8.41
CA HIS A 130 7.07 6.05 -8.18
C HIS A 130 8.17 5.20 -7.56
N GLY A 131 7.88 4.52 -6.46
CA GLY A 131 8.84 3.60 -5.90
C GLY A 131 9.12 2.40 -6.79
N GLU A 132 8.13 2.00 -7.59
CA GLU A 132 8.27 0.81 -8.42
C GLU A 132 9.36 0.98 -9.47
N ILE A 133 9.38 2.12 -10.15
CA ILE A 133 10.32 2.30 -11.26
C ILE A 133 11.74 2.40 -10.75
N VAL A 134 11.96 3.14 -9.65
CA VAL A 134 13.31 3.28 -9.12
C VAL A 134 13.78 1.97 -8.49
N ASN A 135 12.87 1.22 -7.88
CA ASN A 135 13.25 -0.06 -7.27
C ASN A 135 13.75 -1.03 -8.32
N LYS A 136 12.99 -1.20 -9.42
CA LYS A 136 13.40 -2.09 -10.49
C LYS A 136 14.66 -1.58 -11.17
N TYR A 137 14.77 -0.26 -11.37
CA TYR A 137 15.95 0.33 -11.99
C TYR A 137 17.19 0.05 -11.15
N LEU A 138 17.11 0.27 -9.84
CA LEU A 138 18.26 0.03 -8.98
C LEU A 138 18.57 -1.45 -8.86
N TYR A 139 17.55 -2.32 -8.92
CA TYR A 139 17.81 -3.75 -8.92
C TYR A 139 18.65 -4.16 -10.12
N LEU A 140 18.24 -3.74 -11.33
CA LEU A 140 18.98 -4.12 -12.52
C LEU A 140 20.38 -3.52 -12.54
N SER A 141 20.57 -2.36 -11.89
CA SER A 141 21.88 -1.73 -11.88
C SER A 141 22.92 -2.60 -11.17
N GLY A 142 22.50 -3.31 -10.12
CA GLY A 142 23.44 -4.07 -9.32
C GLY A 142 24.37 -3.25 -8.48
N ARG A 143 24.09 -1.95 -8.31
CA ARG A 143 24.98 -1.05 -7.60
C ARG A 143 24.64 -0.93 -6.11
N VAL A 144 23.54 -1.50 -5.65
CA VAL A 144 23.07 -1.31 -4.29
C VAL A 144 22.61 -2.65 -3.71
N ASP A 145 22.71 -2.76 -2.39
CA ASP A 145 22.30 -3.96 -1.66
C ASP A 145 20.78 -3.97 -1.56
N MET A 146 20.13 -4.75 -2.44
CA MET A 146 18.68 -4.75 -2.49
C MET A 146 18.05 -5.37 -1.25
N LYS A 147 18.70 -6.36 -0.65
CA LYS A 147 18.13 -7.00 0.54
C LYS A 147 18.12 -6.05 1.73
N GLN A 148 19.20 -5.28 1.92
CA GLN A 148 19.22 -4.28 2.98
C GLN A 148 18.18 -3.19 2.72
N ILE A 149 17.94 -2.86 1.45
CA ILE A 149 16.90 -1.89 1.13
C ILE A 149 15.52 -2.46 1.43
N GLU A 150 15.30 -3.72 1.06
CA GLU A 150 14.02 -4.37 1.36
C GLU A 150 13.80 -4.51 2.85
N LYS A 151 14.87 -4.72 3.61
CA LYS A 151 14.76 -4.70 5.07
C LYS A 151 14.36 -3.32 5.56
N THR A 152 14.93 -2.27 4.97
CA THR A 152 14.59 -0.90 5.35
C THR A 152 13.12 -0.61 5.08
N ILE A 153 12.61 -1.05 3.92
CA ILE A 153 11.21 -0.81 3.58
C ILE A 153 10.30 -1.52 4.57
N GLN A 154 10.64 -2.77 4.93
CA GLN A 154 9.82 -3.50 5.89
C GLN A 154 9.84 -2.82 7.26
N TYR A 155 11.02 -2.36 7.69
CA TYR A 155 11.11 -1.59 8.94
C TYR A 155 10.28 -0.32 8.87
N LEU A 156 10.34 0.39 7.74
CA LEU A 156 9.67 1.68 7.62
C LEU A 156 8.15 1.53 7.65
N ILE A 157 7.63 0.56 6.89
CA ILE A 157 6.19 0.32 6.90
C ILE A 157 5.72 -0.10 8.29
N GLY A 158 6.51 -0.95 8.96
CA GLY A 158 6.17 -1.35 10.31
C GLY A 158 6.20 -0.20 11.30
N SER A 159 7.11 0.76 11.09
CA SER A 159 7.18 1.92 11.98
C SER A 159 6.09 2.95 11.68
N GLY A 160 5.71 3.10 10.41
CA GLY A 160 4.74 4.10 10.05
C GLY A 160 5.31 5.51 10.09
N MET A 161 4.43 6.48 10.32
CA MET A 161 4.85 7.88 10.41
C MET A 161 3.85 8.63 11.28
N ASP A 162 4.32 9.73 11.87
CA ASP A 162 3.48 10.59 12.69
C ASP A 162 3.81 12.05 12.36
N PRO A 163 3.14 12.61 11.34
CA PRO A 163 3.40 14.01 10.98
C PRO A 163 2.70 15.02 11.88
N GLY A 164 1.93 14.56 12.86
CA GLY A 164 1.26 15.47 13.77
C GLY A 164 0.05 16.17 13.18
N THR A 165 -0.71 15.49 12.31
CA THR A 165 -1.88 16.08 11.69
C THR A 165 -3.12 15.96 12.56
N ASP A 166 -3.06 15.18 13.64
CA ASP A 166 -4.10 15.13 14.67
C ASP A 166 -5.48 14.82 14.09
N ASN A 167 -5.52 13.99 13.04
CA ASN A 167 -6.75 13.62 12.35
C ASN A 167 -7.50 14.83 11.80
N ASN A 168 -6.78 15.94 11.58
CA ASN A 168 -7.39 17.18 11.13
C ASN A 168 -7.14 17.35 9.65
N PRO A 169 -8.18 17.34 8.80
CA PRO A 169 -7.95 17.54 7.36
C PRO A 169 -7.30 18.88 7.03
N TYR A 170 -7.56 19.91 7.84
CA TYR A 170 -6.84 21.17 7.69
C TYR A 170 -5.33 20.95 7.73
N LEU A 171 -4.85 20.26 8.78
CA LEU A 171 -3.43 20.00 8.91
C LEU A 171 -2.94 19.03 7.85
N GLY A 172 -3.73 18.00 7.53
CA GLY A 172 -3.32 17.01 6.55
C GLY A 172 -3.13 17.60 5.17
N PHE A 173 -4.03 18.50 4.76
CA PHE A 173 -3.90 19.11 3.44
C PHE A 173 -2.78 20.14 3.40
N ILE A 174 -2.55 20.83 4.51
CA ILE A 174 -1.40 21.75 4.58
C ILE A 174 -0.10 20.96 4.57
N TYR A 175 -0.02 19.89 5.37
CA TYR A 175 1.18 19.05 5.38
C TYR A 175 1.46 18.48 4.00
N THR A 176 0.43 17.94 3.35
CA THR A 176 0.64 17.31 2.06
C THR A 176 1.01 18.34 1.00
N SER A 177 0.38 19.53 1.05
CA SER A 177 0.79 20.61 0.16
C SER A 177 2.27 20.93 0.32
N TYR A 178 2.74 20.96 1.56
CA TYR A 178 4.15 21.23 1.83
C TYR A 178 5.04 20.08 1.34
N GLN A 179 4.67 18.85 1.68
CA GLN A 179 5.53 17.71 1.38
C GLN A 179 5.49 17.35 -0.10
N GLU A 180 4.38 17.61 -0.78
CA GLU A 180 4.32 17.35 -2.22
C GLU A 180 5.33 18.19 -2.98
N ARG A 181 5.45 19.47 -2.61
CA ARG A 181 6.46 20.32 -3.22
C ARG A 181 7.87 19.85 -2.84
N ALA A 182 8.05 19.40 -1.60
CA ALA A 182 9.35 18.91 -1.17
C ALA A 182 9.77 17.68 -1.98
N THR A 183 8.83 16.77 -2.23
CA THR A 183 9.16 15.57 -3.00
C THR A 183 9.36 15.88 -4.47
N ALA A 184 8.62 16.85 -5.01
CA ALA A 184 8.84 17.28 -6.38
C ALA A 184 10.23 17.90 -6.54
N ILE A 185 10.63 18.72 -5.58
CA ILE A 185 11.97 19.29 -5.60
C ILE A 185 13.02 18.19 -5.44
N SER A 186 12.75 17.23 -4.55
CA SER A 186 13.73 16.16 -4.28
C SER A 186 13.98 15.34 -5.54
N HIS A 187 12.92 14.82 -6.17
CA HIS A 187 13.09 14.06 -7.40
C HIS A 187 13.63 14.92 -8.53
N GLY A 188 13.29 16.21 -8.54
CA GLY A 188 13.85 17.09 -9.55
C GLY A 188 15.36 17.22 -9.44
N SER A 189 15.86 17.35 -8.21
CA SER A 189 17.30 17.43 -8.01
C SER A 189 17.97 16.10 -8.29
N LEU A 190 17.31 14.99 -7.94
CA LEU A 190 17.85 13.67 -8.24
C LEU A 190 17.95 13.44 -9.74
N GLY A 191 17.03 14.01 -10.52
CA GLY A 191 17.08 13.91 -11.97
C GLY A 191 18.15 14.80 -12.55
N ARG A 192 18.30 15.99 -11.98
CA ARG A 192 19.33 16.91 -12.44
C ARG A 192 20.73 16.36 -12.19
N LEU A 193 20.92 15.71 -11.03
CA LEU A 193 22.22 15.10 -10.74
C LEU A 193 22.47 13.88 -11.63
N ALA A 194 21.44 13.10 -11.92
CA ALA A 194 21.59 11.97 -12.82
C ALA A 194 21.98 12.42 -14.23
N ARG A 195 21.38 13.53 -14.69
CA ARG A 195 21.73 14.06 -16.00
C ARG A 195 23.18 14.53 -16.04
N GLN A 196 23.64 15.17 -14.96
CA GLN A 196 25.03 15.63 -14.90
C GLN A 196 26.01 14.47 -15.03
N LYS A 197 25.64 13.29 -14.52
CA LYS A 197 26.50 12.12 -14.58
C LYS A 197 26.28 11.27 -15.83
N GLY A 198 25.59 11.82 -16.84
CA GLY A 198 25.38 11.11 -18.09
C GLY A 198 24.29 10.06 -18.07
N GLU A 199 23.62 9.85 -16.94
CA GLU A 199 22.56 8.86 -16.83
C GLU A 199 21.26 9.54 -17.20
N LEU A 200 20.96 9.54 -18.50
CA LEU A 200 19.83 10.30 -19.02
C LEU A 200 18.50 9.62 -18.72
N ARG A 201 18.46 8.29 -18.78
CA ARG A 201 17.20 7.57 -18.57
C ARG A 201 16.68 7.78 -17.15
N LEU A 202 17.54 7.61 -16.15
CA LEU A 202 17.13 7.87 -14.76
C LEU A 202 16.77 9.33 -14.56
N ALA A 203 17.48 10.24 -15.25
CA ALA A 203 17.13 11.65 -15.19
C ALA A 203 15.70 11.89 -15.66
N GLN A 204 15.30 11.24 -16.75
CA GLN A 204 13.91 11.32 -17.20
C GLN A 204 12.97 10.67 -16.20
N ILE A 205 13.40 9.58 -15.57
CA ILE A 205 12.56 8.90 -14.58
C ILE A 205 12.29 9.82 -13.39
N CYS A 206 13.35 10.39 -12.82
CA CYS A 206 13.17 11.27 -11.67
C CYS A 206 12.41 12.53 -12.05
N GLY A 207 12.63 13.04 -13.26
CA GLY A 207 11.89 14.20 -13.73
C GLY A 207 10.43 13.88 -13.99
N THR A 208 10.14 12.68 -14.46
CA THR A 208 8.74 12.29 -14.67
C THR A 208 8.02 12.09 -13.34
N ILE A 209 8.71 11.52 -12.35
CA ILE A 209 8.12 11.39 -11.02
C ILE A 209 7.88 12.79 -10.43
N SER A 210 8.84 13.69 -10.60
CA SER A 210 8.69 15.05 -10.07
C SER A 210 7.46 15.74 -10.66
N ALA A 211 7.18 15.50 -11.94
CA ALA A 211 6.01 16.10 -12.56
C ALA A 211 4.72 15.57 -11.95
N ASP A 212 4.71 14.29 -11.55
CA ASP A 212 3.55 13.75 -10.83
C ASP A 212 3.34 14.48 -9.52
N GLU A 213 4.43 14.77 -8.79
CA GLU A 213 4.30 15.44 -7.51
C GLU A 213 3.81 16.88 -7.69
N LYS A 214 4.16 17.51 -8.81
CA LYS A 214 3.68 18.86 -9.07
C LYS A 214 2.17 18.89 -9.25
N ARG A 215 1.62 17.88 -9.92
CA ARG A 215 0.17 17.77 -10.03
C ARG A 215 -0.47 17.57 -8.67
N HIS A 216 0.11 16.70 -7.84
CA HIS A 216 -0.40 16.48 -6.51
C HIS A 216 -0.25 17.73 -5.64
N GLU A 217 0.86 18.45 -5.79
CA GLU A 217 1.04 19.70 -5.05
C GLU A 217 -0.04 20.71 -5.41
N ALA A 218 -0.29 20.89 -6.71
CA ALA A 218 -1.29 21.86 -7.15
C ALA A 218 -2.67 21.53 -6.62
N ALA A 219 -2.99 20.24 -6.54
CA ALA A 219 -4.32 19.84 -6.07
C ALA A 219 -4.49 20.15 -4.59
N TYR A 220 -3.56 19.68 -3.75
CA TYR A 220 -3.67 19.93 -2.32
C TYR A 220 -3.54 21.42 -2.01
N THR A 221 -2.72 22.13 -2.77
CA THR A 221 -2.65 23.59 -2.63
C THR A 221 -3.97 24.24 -2.96
N ARG A 222 -4.66 23.74 -4.01
CA ARG A 222 -5.97 24.26 -4.35
C ARG A 222 -6.99 23.99 -3.25
N ILE A 223 -6.87 22.85 -2.57
CA ILE A 223 -7.77 22.52 -1.47
C ILE A 223 -7.60 23.52 -0.33
N VAL A 224 -6.35 23.81 0.04
CA VAL A 224 -6.09 24.72 1.14
C VAL A 224 -6.51 26.14 0.77
N GLU A 225 -6.33 26.52 -0.49
CA GLU A 225 -6.81 27.82 -0.96
C GLU A 225 -8.32 27.95 -0.74
N LYS A 226 -9.07 26.90 -1.05
CA LYS A 226 -10.50 26.93 -0.82
C LYS A 226 -10.82 27.02 0.67
N LEU A 227 -10.03 26.34 1.51
CA LEU A 227 -10.25 26.41 2.94
C LEU A 227 -9.97 27.81 3.49
N PHE A 228 -8.94 28.48 2.96
CA PHE A 228 -8.69 29.87 3.33
C PHE A 228 -9.86 30.76 2.93
N GLU A 229 -10.50 30.47 1.80
CA GLU A 229 -11.64 31.26 1.35
C GLU A 229 -12.86 31.02 2.24
N MET A 230 -13.17 29.76 2.52
CA MET A 230 -14.38 29.44 3.27
C MET A 230 -14.18 29.55 4.78
N ASP A 231 -12.95 29.38 5.26
CA ASP A 231 -12.66 29.46 6.69
C ASP A 231 -11.26 30.03 6.86
N PRO A 232 -11.11 31.35 6.71
CA PRO A 232 -9.77 31.94 6.87
C PRO A 232 -9.20 31.80 8.27
N GLU A 233 -10.04 31.94 9.31
CA GLU A 233 -9.56 31.83 10.67
C GLU A 233 -9.06 30.42 10.97
N GLY A 234 -9.89 29.41 10.69
CA GLY A 234 -9.50 28.04 10.95
C GLY A 234 -8.26 27.61 10.18
N THR A 235 -8.21 27.95 8.90
CA THR A 235 -7.08 27.53 8.07
C THR A 235 -5.80 28.25 8.48
N MET A 236 -5.90 29.51 8.88
CA MET A 236 -4.72 30.23 9.36
C MET A 236 -4.20 29.62 10.65
N LEU A 237 -5.09 29.28 11.58
CA LEU A 237 -4.67 28.63 12.81
C LEU A 237 -4.04 27.27 12.54
N ALA A 238 -4.56 26.55 11.54
CA ALA A 238 -3.99 25.27 11.16
C ALA A 238 -2.60 25.43 10.57
N LEU A 239 -2.40 26.46 9.73
CA LEU A 239 -1.08 26.69 9.13
C LEU A 239 -0.04 27.00 10.18
N GLU A 240 -0.39 27.81 11.18
CA GLU A 240 0.53 28.10 12.28
C GLU A 240 0.88 26.83 13.05
N ASP A 241 -0.11 25.97 13.29
CA ASP A 241 0.14 24.76 14.08
C ASP A 241 1.07 23.80 13.35
N MET A 242 0.91 23.67 12.03
CA MET A 242 1.78 22.77 11.28
C MET A 242 3.21 23.29 11.22
N MET A 243 3.37 24.61 11.05
CA MET A 243 4.72 25.16 10.95
C MET A 243 5.45 25.10 12.29
N LYS A 244 4.72 25.19 13.39
CA LYS A 244 5.33 24.99 14.70
C LYS A 244 5.78 23.54 14.89
N LYS A 245 4.97 22.60 14.40
CA LYS A 245 5.33 21.18 14.47
C LYS A 245 6.42 20.80 13.49
N LYS A 246 6.70 21.64 12.50
CA LYS A 246 7.68 21.40 11.44
C LYS A 246 7.17 20.34 10.47
N ILE A 247 7.50 20.48 9.20
CA ILE A 247 7.07 19.53 8.17
C ILE A 247 8.13 18.43 8.14
N VAL A 248 7.79 17.29 8.70
CA VAL A 248 8.73 16.17 8.80
C VAL A 248 8.63 15.32 7.54
N MET A 249 9.76 14.76 7.12
CA MET A 249 9.76 13.84 6.01
C MET A 249 9.01 12.57 6.39
N PRO A 250 8.15 12.05 5.51
CA PRO A 250 7.32 10.88 5.88
C PRO A 250 8.13 9.67 6.32
N SER A 251 9.37 9.54 5.86
CA SER A 251 10.21 8.39 6.17
C SER A 251 11.18 8.67 7.33
N HIS A 252 10.81 9.56 8.25
CA HIS A 252 11.73 9.99 9.29
C HIS A 252 12.04 8.90 10.32
N LEU A 253 11.25 7.84 10.36
CA LEU A 253 11.50 6.72 11.26
C LEU A 253 12.29 5.59 10.62
N MET A 254 12.89 5.84 9.45
CA MET A 254 13.56 4.77 8.72
C MET A 254 14.79 4.26 9.47
N HIS A 255 15.01 2.96 9.39
CA HIS A 255 16.25 2.35 9.83
C HIS A 255 16.38 1.01 9.12
N ASP A 256 17.61 0.53 9.00
CA ASP A 256 17.92 -0.66 8.21
C ASP A 256 18.33 -1.84 9.07
N GLY A 257 18.06 -1.78 10.38
CA GLY A 257 18.51 -2.82 11.27
C GLY A 257 19.99 -2.81 11.55
N LYS A 258 20.72 -1.84 10.99
CA LYS A 258 22.16 -1.71 11.19
C LYS A 258 22.52 -0.35 11.77
N ASP A 259 21.94 0.72 11.24
CA ASP A 259 22.20 2.08 11.69
C ASP A 259 20.94 2.65 12.34
N PRO A 260 20.89 2.79 13.66
CA PRO A 260 19.71 3.42 14.29
C PRO A 260 19.47 4.84 13.83
N ASP A 261 20.51 5.55 13.37
CA ASP A 261 20.40 6.93 12.91
C ASP A 261 20.43 7.02 11.38
N LEU A 262 19.80 6.05 10.71
CA LEU A 262 19.85 5.99 9.25
C LEU A 262 19.25 7.24 8.61
N PHE A 263 18.11 7.72 9.13
CA PHE A 263 17.46 8.88 8.55
C PHE A 263 18.35 10.11 8.63
N GLN A 264 18.89 10.40 9.81
CA GLN A 264 19.77 11.56 9.96
C GLN A 264 20.99 11.46 9.05
N HIS A 265 21.56 10.26 8.92
CA HIS A 265 22.72 10.07 8.06
C HIS A 265 22.34 10.16 6.58
N PHE A 266 21.21 9.57 6.21
CA PHE A 266 20.73 9.71 4.83
C PHE A 266 20.39 11.16 4.51
N SER A 267 19.73 11.85 5.44
CA SER A 267 19.36 13.24 5.21
C SER A 267 20.60 14.11 5.02
N ALA A 268 21.65 13.86 5.81
CA ALA A 268 22.88 14.62 5.68
C ALA A 268 23.51 14.43 4.30
N VAL A 269 23.57 13.18 3.83
CA VAL A 269 24.11 12.91 2.51
C VAL A 269 23.24 13.56 1.42
N SER A 270 21.91 13.45 1.57
CA SER A 270 21.02 14.02 0.57
C SER A 270 21.13 15.54 0.53
N GLN A 271 21.20 16.18 1.70
CA GLN A 271 21.31 17.64 1.73
C GLN A 271 22.69 18.12 1.32
N ARG A 272 23.73 17.32 1.59
CA ARG A 272 25.07 17.68 1.13
C ARG A 272 25.12 17.76 -0.39
N LEU A 273 24.36 16.90 -1.08
CA LEU A 273 24.32 16.90 -2.53
C LEU A 273 23.40 17.98 -3.10
N GLY A 274 22.73 18.75 -2.26
CA GLY A 274 21.83 19.78 -2.72
C GLY A 274 20.41 19.33 -3.00
N ILE A 275 19.99 18.21 -2.43
CA ILE A 275 18.64 17.69 -2.64
C ILE A 275 17.80 18.11 -1.44
N TYR A 276 16.89 19.05 -1.68
CA TYR A 276 16.00 19.62 -0.66
C TYR A 276 16.78 19.98 0.61
N THR A 277 17.55 21.06 0.49
CA THR A 277 18.33 21.58 1.59
C THR A 277 17.44 22.37 2.55
N ALA A 278 18.04 22.80 3.66
CA ALA A 278 17.31 23.65 4.60
C ALA A 278 16.89 24.96 3.96
N ARG A 279 17.69 25.48 3.03
CA ARG A 279 17.31 26.69 2.31
C ARG A 279 16.04 26.46 1.49
N GLU A 280 15.90 25.27 0.90
CA GLU A 280 14.74 24.96 0.08
C GLU A 280 13.52 24.63 0.92
N TYR A 281 13.71 24.16 2.16
CA TYR A 281 12.59 24.05 3.09
C TYR A 281 11.93 25.41 3.32
N THR A 282 12.74 26.45 3.44
CA THR A 282 12.19 27.80 3.59
C THR A 282 11.60 28.32 2.29
N ASP A 283 12.18 27.91 1.15
CA ASP A 283 11.62 28.30 -0.14
C ASP A 283 10.20 27.81 -0.31
N VAL A 284 9.90 26.61 0.19
CA VAL A 284 8.54 26.07 0.10
C VAL A 284 7.57 26.92 0.90
N LEU A 285 7.97 27.29 2.12
CA LEU A 285 7.11 28.14 2.96
C LEU A 285 6.87 29.49 2.28
N GLU A 286 7.93 30.11 1.78
CA GLU A 286 7.78 31.40 1.11
C GLU A 286 6.89 31.28 -0.13
N HIS A 287 7.01 30.17 -0.87
CA HIS A 287 6.15 29.95 -2.01
C HIS A 287 4.69 29.80 -1.59
N LEU A 288 4.45 29.00 -0.55
CA LEU A 288 3.08 28.79 -0.09
C LEU A 288 2.48 30.05 0.49
N ILE A 289 3.30 30.89 1.13
CA ILE A 289 2.81 32.18 1.62
C ILE A 289 2.31 33.03 0.47
N ALA A 290 3.08 33.10 -0.62
CA ALA A 290 2.67 33.89 -1.78
C ALA A 290 1.56 33.18 -2.55
N ARG A 291 1.64 31.85 -2.67
CA ARG A 291 0.65 31.10 -3.43
C ARG A 291 -0.73 31.19 -2.77
N TRP A 292 -0.78 31.04 -1.45
CA TRP A 292 -2.03 31.17 -0.71
C TRP A 292 -2.37 32.60 -0.34
N GLY A 293 -1.48 33.55 -0.61
CA GLY A 293 -1.69 34.93 -0.22
C GLY A 293 -1.87 35.08 1.28
N VAL A 294 -1.00 34.42 2.05
CA VAL A 294 -1.16 34.34 3.50
C VAL A 294 -1.14 35.73 4.14
N ASP A 295 -0.35 36.65 3.59
CA ASP A 295 -0.24 37.97 4.20
C ASP A 295 -1.41 38.88 3.87
N LYS A 296 -2.28 38.49 2.94
CA LYS A 296 -3.41 39.32 2.51
C LYS A 296 -4.76 38.67 2.78
N ILE A 297 -4.82 37.57 3.52
CA ILE A 297 -6.06 36.85 3.73
C ILE A 297 -7.03 37.69 4.53
N MET A 298 -8.29 37.71 4.09
CA MET A 298 -9.34 38.52 4.68
C MET A 298 -10.21 37.70 5.62
N GLY A 299 -11.00 38.41 6.42
CA GLY A 299 -11.90 37.76 7.34
C GLY A 299 -11.23 37.15 8.56
N LEU A 300 -10.09 37.67 8.97
CA LEU A 300 -9.40 37.15 10.15
C LEU A 300 -9.82 37.90 11.39
N ARG A 301 -9.84 37.18 12.52
CA ARG A 301 -10.04 37.75 13.84
C ARG A 301 -8.70 38.01 14.51
N ASP A 302 -8.73 38.32 15.81
CA ASP A 302 -7.48 38.61 16.53
C ASP A 302 -6.57 37.39 16.57
N GLU A 303 -7.15 36.20 16.79
CA GLU A 303 -6.35 34.98 16.84
C GLU A 303 -5.70 34.67 15.49
N GLY A 304 -6.47 34.82 14.40
CA GLY A 304 -5.91 34.57 13.09
C GLY A 304 -4.84 35.57 12.68
N ARG A 305 -4.97 36.82 13.12
CA ARG A 305 -3.94 37.81 12.82
C ARG A 305 -2.65 37.51 13.56
N ARG A 306 -2.75 37.04 14.81
CA ARG A 306 -1.56 36.64 15.54
C ARG A 306 -0.92 35.41 14.89
N ALA A 307 -1.73 34.46 14.44
CA ALA A 307 -1.20 33.32 13.69
C ALA A 307 -0.59 33.77 12.37
N GLN A 308 -1.23 34.74 11.71
CA GLN A 308 -0.71 35.25 10.45
C GLN A 308 0.65 35.92 10.63
N ASP A 309 0.81 36.68 11.71
CA ASP A 309 2.09 37.34 11.95
C ASP A 309 3.19 36.34 12.25
N TYR A 310 2.87 35.22 12.90
CA TYR A 310 3.87 34.19 13.14
C TYR A 310 4.32 33.53 11.84
N VAL A 311 3.36 33.10 11.01
CA VAL A 311 3.70 32.35 9.80
C VAL A 311 4.50 33.23 8.84
N CYS A 312 4.04 34.47 8.63
CA CYS A 312 4.71 35.36 7.69
C CYS A 312 6.07 35.83 8.22
N GLY A 313 6.29 35.75 9.52
CA GLY A 313 7.58 36.07 10.11
C GLY A 313 8.57 34.92 10.11
N LEU A 314 8.12 33.70 9.83
CA LEU A 314 9.01 32.55 9.87
C LEU A 314 10.13 32.59 8.83
N PRO A 315 9.90 32.98 7.57
CA PRO A 315 11.02 32.99 6.61
C PRO A 315 12.23 33.79 7.08
N SER A 316 12.00 34.95 7.71
CA SER A 316 13.12 35.74 8.22
C SER A 316 13.81 35.01 9.37
N ARG A 317 13.04 34.32 10.21
CA ARG A 317 13.64 33.54 11.30
C ARG A 317 14.46 32.38 10.77
N PHE A 318 14.00 31.75 9.68
CA PHE A 318 14.69 30.60 9.14
C PHE A 318 16.00 30.99 8.45
N ARG A 319 16.04 32.15 7.79
CA ARG A 319 17.24 32.56 7.08
C ARG A 319 18.40 32.78 8.05
N ARG A 320 18.14 33.37 9.21
CA ARG A 320 19.19 33.56 10.20
C ARG A 320 19.65 32.24 10.80
N VAL A 321 18.74 31.28 10.95
CA VAL A 321 19.14 29.98 11.47
C VAL A 321 20.04 29.24 10.50
N GLU A 322 19.89 29.48 9.20
CA GLU A 322 20.75 28.87 8.19
C GLU A 322 22.15 29.47 8.23
N SER A 333 30.28 14.51 8.65
CA SER A 333 30.75 13.19 9.04
C SER A 333 30.34 12.14 8.02
N HIS A 334 31.24 11.19 7.76
CA HIS A 334 31.00 10.11 6.82
C HIS A 334 30.77 8.82 7.61
N VAL A 335 29.70 8.10 7.26
CA VAL A 335 29.28 6.93 8.03
C VAL A 335 29.00 5.77 7.08
N PRO A 336 29.14 4.53 7.52
CA PRO A 336 28.83 3.39 6.65
C PRO A 336 27.34 3.30 6.36
N PHE A 337 27.02 2.81 5.16
CA PHE A 337 25.65 2.61 4.73
C PHE A 337 25.50 1.18 4.23
N SER A 338 24.62 0.41 4.89
CA SER A 338 24.33 -0.94 4.44
C SER A 338 23.71 -0.97 3.05
N TRP A 339 23.11 0.15 2.62
CA TRP A 339 22.56 0.23 1.27
C TRP A 339 23.63 0.00 0.22
N VAL A 340 24.85 0.50 0.46
CA VAL A 340 25.94 0.37 -0.49
C VAL A 340 26.98 -0.62 0.05
N PHE A 341 26.49 -1.73 0.61
CA PHE A 341 27.34 -2.84 1.06
C PHE A 341 28.29 -2.43 2.18
N GLY A 342 27.85 -1.51 3.04
CA GLY A 342 28.62 -1.12 4.20
C GLY A 342 29.73 -0.12 3.95
N ARG A 343 29.86 0.39 2.73
CA ARG A 343 30.91 1.36 2.45
C ARG A 343 30.62 2.68 3.15
N THR A 344 31.70 3.40 3.47
CA THR A 344 31.58 4.67 4.17
C THR A 344 31.24 5.79 3.19
N VAL A 345 30.16 6.51 3.46
CA VAL A 345 29.70 7.57 2.57
C VAL A 345 29.69 8.90 3.31
N ARG B 12 -24.64 0.55 5.98
CA ARG B 12 -24.03 -0.48 6.80
C ARG B 12 -25.09 -1.34 7.48
N THR B 13 -25.03 -2.65 7.26
CA THR B 13 -26.02 -3.56 7.80
C THR B 13 -25.68 -4.08 9.19
N HIS B 14 -24.40 -3.99 9.61
CA HIS B 14 -23.97 -4.58 10.88
C HIS B 14 -22.84 -3.75 11.48
N PRO B 15 -23.14 -2.52 11.90
CA PRO B 15 -22.13 -1.72 12.59
C PRO B 15 -21.92 -2.22 14.02
N MET B 16 -20.71 -1.98 14.55
CA MET B 16 -20.38 -2.42 15.89
C MET B 16 -21.01 -1.51 16.93
N ALA B 17 -21.60 -2.10 17.96
CA ALA B 17 -22.11 -1.31 19.06
C ALA B 17 -20.97 -0.57 19.74
N PRO B 18 -21.18 0.69 20.14
CA PRO B 18 -20.06 1.47 20.70
C PRO B 18 -19.52 0.92 22.01
N GLU B 19 -20.34 0.24 22.80
CA GLU B 19 -19.87 -0.28 24.08
C GLU B 19 -18.89 -1.44 23.92
N LYS B 20 -18.78 -2.03 22.73
CA LYS B 20 -17.82 -3.09 22.51
C LYS B 20 -16.39 -2.58 22.46
N ALA B 21 -16.18 -1.25 22.45
CA ALA B 21 -14.83 -0.70 22.54
C ALA B 21 -14.12 -1.17 23.79
N GLU B 22 -14.86 -1.36 24.89
CA GLU B 22 -14.24 -1.81 26.13
C GLU B 22 -13.63 -3.20 26.00
N ILE B 23 -14.16 -4.02 25.09
CA ILE B 23 -13.60 -5.35 24.88
C ILE B 23 -12.21 -5.25 24.27
N PHE B 24 -12.07 -4.48 23.19
CA PHE B 24 -10.78 -4.36 22.52
C PHE B 24 -9.78 -3.56 23.34
N ASN B 25 -10.26 -2.56 24.09
CA ASN B 25 -9.36 -1.77 24.92
C ASN B 25 -8.82 -2.57 26.11
N SER B 26 -9.49 -3.66 26.48
CA SER B 26 -9.04 -4.52 27.56
C SER B 26 -8.10 -5.63 27.09
N LEU B 27 -7.84 -5.72 25.78
CA LEU B 27 -7.06 -6.82 25.22
C LEU B 27 -5.66 -6.40 24.77
N HIS B 28 -5.20 -5.21 25.16
CA HIS B 28 -3.89 -4.74 24.72
C HIS B 28 -2.78 -5.66 25.23
N GLY B 29 -2.82 -6.02 26.52
CA GLY B 29 -1.83 -6.93 27.06
C GLY B 29 -1.96 -8.32 26.47
N TRP B 30 -3.20 -8.81 26.31
CA TRP B 30 -3.41 -10.12 25.69
C TRP B 30 -2.92 -10.14 24.26
N PHE B 31 -3.16 -9.06 23.50
CA PHE B 31 -2.75 -9.01 22.11
C PHE B 31 -1.23 -9.09 21.98
N GLU B 32 -0.50 -8.39 22.85
CA GLU B 32 0.96 -8.43 22.82
C GLU B 32 1.48 -9.83 23.07
N ASP B 33 0.87 -10.56 24.01
CA ASP B 33 1.38 -11.87 24.39
C ASP B 33 0.98 -12.97 23.41
N ASN B 34 -0.11 -12.80 22.68
CA ASN B 34 -0.68 -13.91 21.91
C ASN B 34 -0.72 -13.69 20.40
N ILE B 35 -0.83 -12.45 19.93
CA ILE B 35 -0.97 -12.19 18.49
C ILE B 35 0.33 -11.69 17.88
N LEU B 36 1.00 -10.76 18.54
CA LEU B 36 2.26 -10.25 18.02
C LEU B 36 3.33 -11.31 17.80
N PRO B 37 3.47 -12.35 18.63
CA PRO B 37 4.45 -13.41 18.33
C PRO B 37 4.26 -14.09 16.98
N PHE B 38 3.10 -13.94 16.33
CA PHE B 38 2.91 -14.53 15.01
C PHE B 38 3.69 -13.80 13.93
N LEU B 39 4.16 -12.58 14.21
CA LEU B 39 5.00 -11.86 13.25
C LEU B 39 6.39 -12.48 13.18
N LYS B 40 6.96 -12.48 11.98
CA LYS B 40 8.33 -12.93 11.79
C LYS B 40 9.27 -11.74 11.91
N PRO B 41 10.29 -11.81 12.76
CA PRO B 41 11.23 -10.69 12.86
C PRO B 41 11.86 -10.36 11.51
N VAL B 42 12.07 -9.06 11.28
CA VAL B 42 12.54 -8.59 9.97
C VAL B 42 13.89 -9.20 9.63
N GLU B 43 14.80 -9.26 10.62
CA GLU B 43 16.14 -9.80 10.36
C GLU B 43 16.10 -11.29 10.03
N GLU B 44 15.03 -11.99 10.40
CA GLU B 44 14.90 -13.42 10.10
C GLU B 44 13.97 -13.70 8.93
N SER B 45 13.42 -12.66 8.30
CA SER B 45 12.43 -12.83 7.26
C SER B 45 13.10 -12.90 5.89
N TRP B 46 12.54 -13.72 5.01
CA TRP B 46 12.98 -13.76 3.62
C TRP B 46 12.66 -12.44 2.94
N GLN B 47 13.43 -12.13 1.89
CA GLN B 47 13.23 -10.95 1.07
C GLN B 47 13.24 -11.35 -0.38
N PRO B 48 12.60 -10.55 -1.25
CA PRO B 48 12.57 -10.89 -2.69
C PRO B 48 13.96 -11.10 -3.30
N THR B 49 14.98 -10.45 -2.76
CA THR B 49 16.34 -10.63 -3.27
C THR B 49 16.79 -12.08 -3.15
N ASP B 50 16.32 -12.81 -2.13
CA ASP B 50 16.74 -14.18 -1.92
C ASP B 50 16.32 -15.11 -3.05
N PHE B 51 15.28 -14.75 -3.81
CA PHE B 51 14.74 -15.62 -4.85
C PHE B 51 14.93 -15.08 -6.25
N LEU B 52 15.66 -13.98 -6.42
CA LEU B 52 15.88 -13.36 -7.71
C LEU B 52 17.33 -13.50 -8.14
N PRO B 53 17.61 -13.40 -9.45
CA PRO B 53 19.00 -13.41 -9.91
C PRO B 53 19.82 -12.31 -9.23
N ASP B 54 21.07 -12.65 -8.91
CA ASP B 54 21.96 -11.76 -8.18
C ASP B 54 22.53 -10.74 -9.16
N SER B 55 22.14 -9.47 -8.99
CA SER B 55 22.55 -8.41 -9.90
C SER B 55 23.97 -7.93 -9.63
N THR B 56 24.57 -8.31 -8.51
CA THR B 56 25.96 -7.98 -8.21
C THR B 56 26.94 -9.02 -8.73
N SER B 57 26.45 -10.13 -9.26
CA SER B 57 27.30 -11.24 -9.69
C SER B 57 27.66 -11.09 -11.17
N ASP B 58 28.79 -11.70 -11.54
CA ASP B 58 29.20 -11.72 -12.94
C ASP B 58 28.28 -12.58 -13.79
N GLY B 59 27.60 -13.56 -13.19
CA GLY B 59 26.68 -14.42 -13.92
C GLY B 59 25.25 -13.93 -13.87
N PHE B 60 25.06 -12.63 -13.60
CA PHE B 60 23.72 -12.07 -13.52
C PHE B 60 22.93 -12.32 -14.81
N HIS B 61 23.52 -12.00 -15.96
CA HIS B 61 22.83 -12.21 -17.23
C HIS B 61 22.53 -13.68 -17.45
N GLN B 62 23.43 -14.56 -17.01
CA GLN B 62 23.18 -15.99 -17.14
C GLN B 62 22.06 -16.45 -16.20
N GLN B 63 22.01 -15.88 -15.00
CA GLN B 63 20.94 -16.23 -14.07
C GLN B 63 19.58 -15.75 -14.57
N VAL B 64 19.54 -14.55 -15.17
CA VAL B 64 18.31 -14.07 -15.76
C VAL B 64 17.89 -14.94 -16.94
N GLU B 65 18.87 -15.34 -17.76
CA GLU B 65 18.57 -16.19 -18.91
C GLU B 65 18.04 -17.55 -18.47
N GLU B 66 18.58 -18.09 -17.38
CA GLU B 66 18.06 -19.34 -16.84
C GLU B 66 16.64 -19.17 -16.31
N LEU B 67 16.35 -18.03 -15.71
CA LEU B 67 14.98 -17.74 -15.27
C LEU B 67 14.03 -17.71 -16.46
N ARG B 68 14.44 -17.08 -17.57
CA ARG B 68 13.56 -16.98 -18.72
C ARG B 68 13.36 -18.33 -19.40
N ARG B 69 14.37 -19.21 -19.38
CA ARG B 69 14.20 -20.53 -19.99
C ARG B 69 13.24 -21.40 -19.18
N ARG B 70 13.37 -21.41 -17.86
CA ARG B 70 12.47 -22.23 -17.05
C ARG B 70 11.04 -21.71 -17.09
N THR B 71 10.85 -20.41 -17.30
CA THR B 71 9.52 -19.82 -17.38
C THR B 71 8.97 -19.79 -18.80
N ALA B 72 9.79 -20.16 -19.80
CA ALA B 72 9.36 -20.09 -21.19
C ALA B 72 8.27 -21.08 -21.54
N GLU B 73 8.06 -22.11 -20.71
CA GLU B 73 7.09 -23.16 -21.01
C GLU B 73 5.82 -23.05 -20.19
N LEU B 74 5.72 -22.05 -19.32
CA LEU B 74 4.50 -21.85 -18.53
C LEU B 74 3.33 -21.52 -19.45
N PRO B 75 2.24 -22.27 -19.40
CA PRO B 75 1.10 -22.00 -20.28
C PRO B 75 0.39 -20.70 -19.90
N ASP B 76 -0.43 -20.23 -20.84
CA ASP B 76 -1.11 -18.95 -20.66
C ASP B 76 -2.09 -19.00 -19.48
N ASP B 77 -2.78 -20.13 -19.30
CA ASP B 77 -3.77 -20.20 -18.23
C ASP B 77 -3.12 -20.13 -16.86
N TYR B 78 -1.92 -20.67 -16.70
CA TYR B 78 -1.21 -20.52 -15.43
C TYR B 78 -0.71 -19.09 -15.24
N LEU B 79 -0.26 -18.45 -16.33
CA LEU B 79 0.19 -17.07 -16.25
C LEU B 79 -0.94 -16.15 -15.78
N VAL B 80 -2.15 -16.35 -16.30
CA VAL B 80 -3.28 -15.51 -15.90
C VAL B 80 -3.59 -15.71 -14.42
N ALA B 81 -3.59 -16.96 -13.97
CA ALA B 81 -3.84 -17.24 -12.55
C ALA B 81 -2.73 -16.64 -11.68
N LEU B 82 -1.49 -16.73 -12.13
CA LEU B 82 -0.37 -16.20 -11.35
C LEU B 82 -0.39 -14.68 -11.31
N VAL B 83 -0.66 -14.04 -12.46
CA VAL B 83 -0.68 -12.58 -12.51
C VAL B 83 -1.82 -12.03 -11.65
N GLY B 84 -3.00 -12.63 -11.76
CA GLY B 84 -4.13 -12.15 -10.98
C GLY B 84 -3.90 -12.23 -9.49
N ALA B 85 -3.20 -13.26 -9.03
CA ALA B 85 -2.87 -13.37 -7.62
C ALA B 85 -1.85 -12.31 -7.21
N MET B 86 -0.90 -12.02 -8.11
CA MET B 86 0.09 -10.97 -7.87
C MET B 86 -0.55 -9.58 -7.89
N VAL B 87 -1.48 -9.36 -8.82
CA VAL B 87 -2.20 -8.10 -8.87
C VAL B 87 -2.99 -7.89 -7.58
N THR B 88 -3.60 -8.95 -7.06
CA THR B 88 -4.28 -8.87 -5.77
C THR B 88 -3.30 -8.49 -4.67
N GLU B 89 -2.11 -9.08 -4.68
CA GLU B 89 -1.10 -8.75 -3.67
C GLU B 89 -0.64 -7.31 -3.80
N GLU B 90 -0.55 -6.80 -5.03
CA GLU B 90 -0.01 -5.46 -5.27
C GLU B 90 -0.97 -4.37 -4.82
N ALA B 91 -2.24 -4.68 -4.58
CA ALA B 91 -3.19 -3.70 -4.09
C ALA B 91 -3.12 -3.57 -2.56
N LEU B 92 -1.94 -3.87 -2.00
CA LEU B 92 -1.74 -3.82 -0.55
C LEU B 92 -2.17 -2.51 0.10
N PRO B 93 -1.85 -1.32 -0.44
CA PRO B 93 -2.29 -0.09 0.24
C PRO B 93 -3.78 -0.04 0.54
N THR B 94 -4.60 -0.68 -0.29
CA THR B 94 -6.03 -0.77 0.01
C THR B 94 -6.29 -1.61 1.25
N TYR B 95 -5.46 -2.64 1.49
CA TYR B 95 -5.76 -3.59 2.55
C TYR B 95 -5.43 -3.02 3.93
N GLN B 96 -4.31 -2.30 4.05
CA GLN B 96 -4.01 -1.63 5.31
C GLN B 96 -5.05 -0.55 5.60
N THR B 97 -5.51 0.14 4.56
CA THR B 97 -6.59 1.11 4.73
C THR B 97 -7.86 0.43 5.23
N MET B 98 -8.19 -0.74 4.66
CA MET B 98 -9.37 -1.47 5.10
C MET B 98 -9.26 -1.87 6.57
N LEU B 99 -8.10 -2.38 6.98
CA LEU B 99 -7.91 -2.72 8.38
C LEU B 99 -8.03 -1.51 9.28
N ASN B 100 -7.65 -0.33 8.79
CA ASN B 100 -7.73 0.90 9.54
C ASN B 100 -9.09 1.60 9.41
N THR B 101 -10.06 0.95 8.77
CA THR B 101 -11.43 1.42 8.82
C THR B 101 -12.20 0.85 10.00
N ALA B 102 -11.65 -0.15 10.70
CA ALA B 102 -12.33 -0.76 11.82
C ALA B 102 -12.34 0.18 13.02
N ASP B 103 -13.48 0.22 13.70
CA ASP B 103 -13.61 1.08 14.88
C ASP B 103 -12.67 0.62 15.99
N VAL B 104 -12.21 1.59 16.77
CA VAL B 104 -11.45 1.37 18.01
C VAL B 104 -10.04 0.85 17.73
N VAL B 105 -9.93 -0.22 16.91
CA VAL B 105 -8.65 -0.89 16.73
C VAL B 105 -7.83 -0.31 15.58
N HIS B 106 -8.33 0.73 14.91
CA HIS B 106 -7.60 1.30 13.80
C HIS B 106 -6.40 2.11 14.29
N ASP B 107 -5.47 2.37 13.37
CA ASP B 107 -4.30 3.19 13.67
C ASP B 107 -4.72 4.65 13.61
N GLU B 108 -4.81 5.28 14.79
CA GLU B 108 -5.33 6.64 14.86
C GLU B 108 -4.33 7.68 14.38
N SER B 109 -3.03 7.44 14.60
CA SER B 109 -2.01 8.43 14.28
C SER B 109 -1.05 7.97 13.18
N GLY B 110 -1.19 6.74 12.69
CA GLY B 110 -0.28 6.20 11.70
C GLY B 110 0.98 5.59 12.26
N ALA B 111 1.29 5.86 13.53
CA ALA B 111 2.41 5.26 14.23
C ALA B 111 2.03 4.95 15.67
N SER B 112 0.77 4.59 15.90
CA SER B 112 0.29 4.37 17.24
C SER B 112 1.00 3.16 17.85
N PRO B 113 1.41 3.24 19.12
CA PRO B 113 2.06 2.10 19.77
C PRO B 113 1.09 1.06 20.31
N LEU B 114 -0.23 1.29 20.16
CA LEU B 114 -1.19 0.30 20.60
C LEU B 114 -1.00 -1.00 19.84
N PRO B 115 -1.13 -2.15 20.50
CA PRO B 115 -0.80 -3.43 19.85
C PRO B 115 -1.58 -3.70 18.58
N TRP B 116 -2.85 -3.27 18.52
CA TRP B 116 -3.64 -3.48 17.30
C TRP B 116 -3.01 -2.78 16.10
N ALA B 117 -2.52 -1.55 16.31
CA ALA B 117 -1.90 -0.81 15.20
C ALA B 117 -0.50 -1.32 14.89
N VAL B 118 0.24 -1.77 15.90
CA VAL B 118 1.56 -2.36 15.67
C VAL B 118 1.45 -3.56 14.74
N TRP B 119 0.43 -4.39 14.94
CA TRP B 119 0.23 -5.56 14.08
C TRP B 119 -0.07 -5.14 12.64
N THR B 120 -0.99 -4.17 12.48
CA THR B 120 -1.43 -3.79 11.15
C THR B 120 -0.27 -3.29 10.29
N ARG B 121 0.60 -2.45 10.87
CA ARG B 121 1.75 -1.95 10.13
C ARG B 121 2.74 -3.07 9.81
N ALA B 122 3.03 -3.91 10.80
CA ALA B 122 3.97 -5.01 10.59
C ALA B 122 3.40 -6.05 9.63
N TRP B 123 2.09 -6.32 9.72
CA TRP B 123 1.45 -7.20 8.76
C TRP B 123 1.55 -6.64 7.35
N THR B 124 1.28 -5.34 7.20
CA THR B 124 1.42 -4.69 5.90
C THR B 124 2.86 -4.78 5.40
N ALA B 125 3.84 -4.63 6.30
CA ALA B 125 5.24 -4.71 5.90
C ALA B 125 5.59 -6.09 5.37
N GLU B 126 5.09 -7.14 6.02
CA GLU B 126 5.29 -8.49 5.52
C GLU B 126 4.60 -8.69 4.18
N GLU B 127 3.41 -8.12 4.03
CA GLU B 127 2.63 -8.26 2.80
C GLU B 127 3.32 -7.59 1.61
N ASN B 128 4.11 -6.56 1.87
CA ASN B 128 4.72 -5.79 0.79
C ASN B 128 5.66 -6.64 -0.05
N ARG B 129 6.21 -7.70 0.53
CA ARG B 129 7.16 -8.55 -0.19
C ARG B 129 6.47 -9.59 -1.08
N HIS B 130 5.18 -9.85 -0.87
CA HIS B 130 4.53 -10.93 -1.60
C HIS B 130 4.31 -10.56 -3.06
N GLY B 131 3.68 -9.41 -3.31
CA GLY B 131 3.54 -8.94 -4.67
C GLY B 131 4.87 -8.57 -5.30
N GLU B 132 5.84 -8.13 -4.49
CA GLU B 132 7.11 -7.65 -5.02
C GLU B 132 7.89 -8.76 -5.69
N ILE B 133 7.97 -9.93 -5.06
CA ILE B 133 8.80 -11.02 -5.59
C ILE B 133 8.20 -11.57 -6.89
N VAL B 134 6.88 -11.75 -6.92
CA VAL B 134 6.25 -12.29 -8.12
C VAL B 134 6.29 -11.28 -9.25
N ASN B 135 6.17 -9.98 -8.93
CA ASN B 135 6.22 -8.95 -9.97
C ASN B 135 7.57 -8.93 -10.66
N LYS B 136 8.66 -8.91 -9.88
CA LYS B 136 9.99 -8.91 -10.48
C LYS B 136 10.27 -10.21 -11.20
N TYR B 137 9.82 -11.34 -10.65
CA TYR B 137 9.99 -12.62 -11.32
C TYR B 137 9.28 -12.63 -12.68
N LEU B 138 8.03 -12.16 -12.71
CA LEU B 138 7.30 -12.10 -13.97
C LEU B 138 7.89 -11.05 -14.91
N TYR B 139 8.42 -9.95 -14.37
CA TYR B 139 9.08 -8.96 -15.21
C TYR B 139 10.29 -9.57 -15.91
N LEU B 140 11.16 -10.23 -15.15
CA LEU B 140 12.35 -10.83 -15.75
C LEU B 140 11.99 -11.96 -16.71
N SER B 141 10.87 -12.64 -16.48
CA SER B 141 10.47 -13.73 -17.34
C SER B 141 10.16 -13.24 -18.76
N GLY B 142 9.60 -12.04 -18.89
CA GLY B 142 9.20 -11.55 -20.19
C GLY B 142 7.99 -12.24 -20.79
N ARG B 143 7.25 -13.01 -20.00
CA ARG B 143 6.13 -13.79 -20.49
C ARG B 143 4.79 -13.05 -20.43
N VAL B 144 4.75 -11.87 -19.80
CA VAL B 144 3.49 -11.17 -19.58
C VAL B 144 3.67 -9.70 -19.91
N ASP B 145 2.57 -9.05 -20.29
CA ASP B 145 2.56 -7.63 -20.61
C ASP B 145 2.57 -6.85 -19.31
N MET B 146 3.76 -6.36 -18.93
CA MET B 146 3.89 -5.69 -17.63
C MET B 146 3.15 -4.36 -17.60
N LYS B 147 3.06 -3.67 -18.74
CA LYS B 147 2.37 -2.39 -18.75
C LYS B 147 0.87 -2.56 -18.54
N GLN B 148 0.28 -3.58 -19.17
CA GLN B 148 -1.13 -3.89 -18.92
C GLN B 148 -1.36 -4.33 -17.49
N ILE B 149 -0.39 -5.03 -16.90
CA ILE B 149 -0.50 -5.42 -15.49
C ILE B 149 -0.39 -4.20 -14.59
N GLU B 150 0.55 -3.30 -14.89
CA GLU B 150 0.71 -2.10 -14.08
C GLU B 150 -0.52 -1.19 -14.18
N LYS B 151 -1.15 -1.15 -15.36
CA LYS B 151 -2.42 -0.44 -15.48
C LYS B 151 -3.51 -1.11 -14.65
N THR B 152 -3.52 -2.44 -14.63
CA THR B 152 -4.50 -3.16 -13.81
C THR B 152 -4.34 -2.83 -12.33
N ILE B 153 -3.09 -2.78 -11.86
CA ILE B 153 -2.84 -2.45 -10.45
C ILE B 153 -3.29 -1.02 -10.15
N GLN B 154 -3.00 -0.09 -11.07
CA GLN B 154 -3.42 1.29 -10.86
C GLN B 154 -4.94 1.40 -10.83
N TYR B 155 -5.63 0.70 -11.74
CA TYR B 155 -7.08 0.66 -11.70
C TYR B 155 -7.59 0.07 -10.39
N LEU B 156 -6.95 -1.02 -9.92
CA LEU B 156 -7.43 -1.72 -8.73
C LEU B 156 -7.26 -0.87 -7.48
N ILE B 157 -6.10 -0.25 -7.31
CA ILE B 157 -5.87 0.61 -6.15
C ILE B 157 -6.83 1.81 -6.19
N GLY B 158 -7.04 2.38 -7.38
CA GLY B 158 -8.00 3.46 -7.50
C GLY B 158 -9.43 3.03 -7.21
N SER B 159 -9.76 1.78 -7.54
CA SER B 159 -11.10 1.27 -7.27
C SER B 159 -11.29 0.89 -5.82
N GLY B 160 -10.23 0.42 -5.15
CA GLY B 160 -10.38 -0.03 -3.78
C GLY B 160 -11.07 -1.38 -3.70
N MET B 161 -11.75 -1.62 -2.58
CA MET B 161 -12.47 -2.86 -2.37
C MET B 161 -13.64 -2.60 -1.43
N ASP B 162 -14.64 -3.47 -1.52
CA ASP B 162 -15.84 -3.37 -0.69
C ASP B 162 -16.20 -4.75 -0.14
N PRO B 163 -15.57 -5.15 0.97
CA PRO B 163 -15.91 -6.44 1.58
C PRO B 163 -17.12 -6.40 2.50
N GLY B 164 -17.71 -5.22 2.73
CA GLY B 164 -18.88 -5.13 3.58
C GLY B 164 -18.60 -5.28 5.06
N THR B 165 -17.45 -4.80 5.53
CA THR B 165 -17.09 -4.94 6.94
C THR B 165 -17.69 -3.86 7.82
N ASP B 166 -18.28 -2.82 7.24
CA ASP B 166 -19.07 -1.82 7.97
C ASP B 166 -18.31 -1.20 9.14
N ASN B 167 -17.00 -1.03 8.98
CA ASN B 167 -16.12 -0.46 10.02
C ASN B 167 -16.19 -1.27 11.32
N ASN B 168 -16.56 -2.54 11.24
CA ASN B 168 -16.73 -3.38 12.41
C ASN B 168 -15.52 -4.30 12.54
N PRO B 169 -14.71 -4.18 13.59
CA PRO B 169 -13.56 -5.09 13.74
C PRO B 169 -13.97 -6.55 13.85
N TYR B 170 -15.16 -6.84 14.39
CA TYR B 170 -15.67 -8.20 14.35
C TYR B 170 -15.70 -8.74 12.94
N LEU B 171 -16.31 -8.00 12.01
CA LEU B 171 -16.40 -8.44 10.63
C LEU B 171 -15.03 -8.44 9.96
N GLY B 172 -14.21 -7.43 10.24
CA GLY B 172 -12.89 -7.35 9.61
C GLY B 172 -11.99 -8.51 9.98
N PHE B 173 -12.01 -8.91 11.26
CA PHE B 173 -11.16 -10.01 11.70
C PHE B 173 -11.68 -11.36 11.21
N ILE B 174 -13.00 -11.51 11.12
CA ILE B 174 -13.57 -12.72 10.53
C ILE B 174 -13.25 -12.79 9.03
N TYR B 175 -13.46 -11.66 8.33
CA TYR B 175 -13.15 -11.62 6.90
C TYR B 175 -11.69 -11.94 6.64
N THR B 176 -10.78 -11.33 7.42
CA THR B 176 -9.35 -11.55 7.18
C THR B 176 -8.95 -12.97 7.53
N SER B 177 -9.53 -13.53 8.60
CA SER B 177 -9.31 -14.94 8.90
C SER B 177 -9.69 -15.82 7.72
N TYR B 178 -10.82 -15.51 7.07
CA TYR B 178 -11.27 -16.29 5.93
C TYR B 178 -10.33 -16.10 4.73
N GLN B 179 -9.97 -14.85 4.43
CA GLN B 179 -9.17 -14.58 3.24
C GLN B 179 -7.71 -14.98 3.41
N GLU B 180 -7.19 -14.94 4.64
CA GLU B 180 -5.82 -15.38 4.86
C GLU B 180 -5.64 -16.86 4.53
N ARG B 181 -6.61 -17.68 4.95
CA ARG B 181 -6.58 -19.09 4.58
C ARG B 181 -6.79 -19.28 3.09
N ALA B 182 -7.70 -18.47 2.50
CA ALA B 182 -7.94 -18.55 1.06
C ALA B 182 -6.69 -18.20 0.27
N THR B 183 -5.96 -17.17 0.71
CA THR B 183 -4.74 -16.77 0.00
C THR B 183 -3.62 -17.77 0.22
N ALA B 184 -3.55 -18.38 1.41
CA ALA B 184 -2.57 -19.45 1.64
C ALA B 184 -2.84 -20.64 0.73
N ILE B 185 -4.10 -21.02 0.59
CA ILE B 185 -4.46 -22.10 -0.34
C ILE B 185 -4.14 -21.71 -1.77
N SER B 186 -4.44 -20.46 -2.14
CA SER B 186 -4.21 -20.00 -3.50
C SER B 186 -2.72 -20.04 -3.86
N HIS B 187 -1.88 -19.42 -3.04
CA HIS B 187 -0.44 -19.45 -3.31
C HIS B 187 0.12 -20.86 -3.19
N GLY B 188 -0.45 -21.68 -2.31
CA GLY B 188 -0.01 -23.07 -2.22
C GLY B 188 -0.30 -23.86 -3.49
N SER B 189 -1.49 -23.67 -4.05
CA SER B 189 -1.83 -24.37 -5.29
C SER B 189 -1.03 -23.82 -6.47
N LEU B 190 -0.78 -22.51 -6.49
CA LEU B 190 0.04 -21.93 -7.54
C LEU B 190 1.46 -22.49 -7.52
N GLY B 191 1.97 -22.82 -6.33
CA GLY B 191 3.30 -23.41 -6.23
C GLY B 191 3.33 -24.86 -6.65
N ARG B 192 2.29 -25.62 -6.27
CA ARG B 192 2.22 -27.02 -6.67
C ARG B 192 2.06 -27.16 -8.18
N LEU B 193 1.30 -26.25 -8.80
CA LEU B 193 1.16 -26.28 -10.25
C LEU B 193 2.48 -25.89 -10.93
N ALA B 194 3.21 -24.93 -10.34
CA ALA B 194 4.53 -24.59 -10.87
C ALA B 194 5.49 -25.75 -10.74
N ARG B 195 5.37 -26.52 -9.65
CA ARG B 195 6.23 -27.69 -9.46
C ARG B 195 5.99 -28.73 -10.53
N GLN B 196 4.72 -28.96 -10.90
CA GLN B 196 4.41 -29.92 -11.94
C GLN B 196 5.02 -29.52 -13.28
N LYS B 197 5.16 -28.23 -13.54
CA LYS B 197 5.72 -27.73 -14.78
C LYS B 197 7.23 -27.57 -14.73
N GLY B 198 7.89 -28.14 -13.72
CA GLY B 198 9.33 -28.10 -13.61
C GLY B 198 9.91 -26.80 -13.10
N GLU B 199 9.07 -25.80 -12.81
CA GLU B 199 9.53 -24.50 -12.33
C GLU B 199 9.58 -24.54 -10.80
N LEU B 200 10.71 -25.01 -10.28
CA LEU B 200 10.85 -25.22 -8.84
C LEU B 200 11.04 -23.92 -8.07
N ARG B 201 11.79 -22.97 -8.64
CA ARG B 201 12.04 -21.71 -7.94
C ARG B 201 10.74 -20.96 -7.67
N LEU B 202 9.90 -20.80 -8.69
CA LEU B 202 8.60 -20.15 -8.46
C LEU B 202 7.75 -20.97 -7.49
N ALA B 203 7.85 -22.29 -7.56
CA ALA B 203 7.18 -23.13 -6.58
C ALA B 203 7.67 -22.82 -5.17
N GLN B 204 8.98 -22.63 -5.02
CA GLN B 204 9.52 -22.23 -3.71
C GLN B 204 9.05 -20.83 -3.33
N ILE B 205 8.94 -19.93 -4.31
CA ILE B 205 8.44 -18.58 -4.04
C ILE B 205 6.99 -18.63 -3.56
N CYS B 206 6.14 -19.33 -4.33
CA CYS B 206 4.73 -19.41 -3.96
C CYS B 206 4.54 -20.14 -2.63
N GLY B 207 5.35 -21.16 -2.38
CA GLY B 207 5.28 -21.85 -1.10
C GLY B 207 5.74 -21.01 0.07
N THR B 208 6.74 -20.14 -0.16
CA THR B 208 7.20 -19.26 0.90
C THR B 208 6.16 -18.19 1.21
N ILE B 209 5.50 -17.66 0.19
CA ILE B 209 4.42 -16.71 0.41
C ILE B 209 3.26 -17.38 1.15
N SER B 210 2.91 -18.60 0.74
CA SER B 210 1.82 -19.33 1.40
C SER B 210 2.10 -19.52 2.89
N ALA B 211 3.35 -19.77 3.26
CA ALA B 211 3.68 -19.96 4.66
C ALA B 211 3.47 -18.66 5.46
N ASP B 212 3.72 -17.51 4.84
CA ASP B 212 3.42 -16.24 5.48
C ASP B 212 1.92 -16.11 5.76
N GLU B 213 1.08 -16.52 4.80
CA GLU B 213 -0.36 -16.40 4.97
C GLU B 213 -0.87 -17.31 6.08
N LYS B 214 -0.22 -18.46 6.28
CA LYS B 214 -0.63 -19.36 7.36
C LYS B 214 -0.38 -18.72 8.72
N ARG B 215 0.72 -17.99 8.87
CA ARG B 215 0.96 -17.26 10.11
C ARG B 215 -0.08 -16.17 10.31
N HIS B 216 -0.40 -15.42 9.25
CA HIS B 216 -1.43 -14.40 9.35
C HIS B 216 -2.79 -15.01 9.64
N GLU B 217 -3.09 -16.16 9.02
CA GLU B 217 -4.35 -16.85 9.29
C GLU B 217 -4.46 -17.24 10.76
N ALA B 218 -3.40 -17.83 11.32
CA ALA B 218 -3.43 -18.26 12.71
C ALA B 218 -3.64 -17.08 13.66
N ALA B 219 -3.06 -15.93 13.32
CA ALA B 219 -3.20 -14.75 14.19
C ALA B 219 -4.63 -14.22 14.19
N TYR B 220 -5.17 -13.96 13.00
CA TYR B 220 -6.54 -13.45 12.92
C TYR B 220 -7.56 -14.46 13.42
N THR B 221 -7.31 -15.75 13.19
CA THR B 221 -8.18 -16.79 13.74
C THR B 221 -8.14 -16.77 15.26
N ARG B 222 -6.96 -16.54 15.85
CA ARG B 222 -6.86 -16.43 17.30
C ARG B 222 -7.60 -15.21 17.82
N ILE B 223 -7.62 -14.12 17.06
CA ILE B 223 -8.35 -12.92 17.47
C ILE B 223 -9.84 -13.21 17.56
N VAL B 224 -10.39 -13.87 16.54
CA VAL B 224 -11.81 -14.17 16.53
C VAL B 224 -12.15 -15.18 17.62
N GLU B 225 -11.23 -16.12 17.88
CA GLU B 225 -11.42 -17.05 19.00
C GLU B 225 -11.57 -16.30 20.32
N LYS B 226 -10.74 -15.27 20.53
CA LYS B 226 -10.86 -14.47 21.75
C LYS B 226 -12.18 -13.73 21.78
N LEU B 227 -12.65 -13.25 20.63
CA LEU B 227 -13.93 -12.56 20.59
C LEU B 227 -15.08 -13.50 20.88
N PHE B 228 -14.98 -14.75 20.41
CA PHE B 228 -15.98 -15.76 20.76
C PHE B 228 -15.99 -16.03 22.26
N GLU B 229 -14.82 -15.95 22.91
CA GLU B 229 -14.74 -16.17 24.34
C GLU B 229 -15.38 -15.04 25.12
N MET B 230 -15.04 -13.80 24.78
CA MET B 230 -15.51 -12.65 25.54
C MET B 230 -16.91 -12.19 25.12
N ASP B 231 -17.30 -12.46 23.88
CA ASP B 231 -18.60 -12.02 23.37
C ASP B 231 -19.12 -13.04 22.38
N PRO B 232 -19.66 -14.17 22.87
CA PRO B 232 -20.19 -15.19 21.94
C PRO B 232 -21.35 -14.69 21.11
N GLU B 233 -22.25 -13.90 21.69
CA GLU B 233 -23.40 -13.39 20.95
C GLU B 233 -22.98 -12.46 19.83
N GLY B 234 -22.16 -11.46 20.15
CA GLY B 234 -21.72 -10.51 19.13
C GLY B 234 -20.94 -11.15 18.01
N THR B 235 -20.00 -12.04 18.35
CA THR B 235 -19.17 -12.66 17.32
C THR B 235 -19.99 -13.61 16.45
N MET B 236 -20.96 -14.31 17.04
CA MET B 236 -21.83 -15.19 16.25
C MET B 236 -22.67 -14.39 15.28
N LEU B 237 -23.25 -13.28 15.74
CA LEU B 237 -24.04 -12.43 14.84
C LEU B 237 -23.15 -11.84 13.75
N ALA B 238 -21.90 -11.51 14.08
CA ALA B 238 -20.98 -11.01 13.08
C ALA B 238 -20.62 -12.09 12.07
N LEU B 239 -20.42 -13.32 12.53
CA LEU B 239 -20.11 -14.41 11.62
C LEU B 239 -21.25 -14.68 10.65
N GLU B 240 -22.50 -14.64 11.15
CA GLU B 240 -23.65 -14.78 10.27
C GLU B 240 -23.70 -13.66 9.25
N ASP B 241 -23.41 -12.43 9.67
CA ASP B 241 -23.50 -11.29 8.76
C ASP B 241 -22.45 -11.39 7.66
N MET B 242 -21.24 -11.84 7.99
CA MET B 242 -20.20 -11.97 6.97
C MET B 242 -20.52 -13.10 5.99
N MET B 243 -21.05 -14.22 6.49
CA MET B 243 -21.36 -15.34 5.61
C MET B 243 -22.56 -15.04 4.72
N LYS B 244 -23.50 -14.22 5.19
CA LYS B 244 -24.59 -13.77 4.33
C LYS B 244 -24.07 -12.85 3.23
N LYS B 245 -23.11 -11.99 3.56
CA LYS B 245 -22.51 -11.12 2.55
C LYS B 245 -21.54 -11.86 1.64
N LYS B 246 -21.09 -13.06 2.05
CA LYS B 246 -20.12 -13.88 1.33
C LYS B 246 -18.73 -13.26 1.39
N ILE B 247 -17.70 -14.09 1.42
CA ILE B 247 -16.32 -13.63 1.52
C ILE B 247 -15.83 -13.36 0.10
N VAL B 248 -15.74 -12.09 -0.26
CA VAL B 248 -15.33 -11.68 -1.61
C VAL B 248 -13.82 -11.55 -1.64
N MET B 249 -13.24 -11.87 -2.80
CA MET B 249 -11.81 -11.66 -2.98
C MET B 249 -11.50 -10.17 -2.98
N PRO B 250 -10.44 -9.74 -2.29
CA PRO B 250 -10.17 -8.30 -2.17
C PRO B 250 -10.01 -7.57 -3.50
N SER B 251 -9.61 -8.27 -4.56
CA SER B 251 -9.37 -7.66 -5.86
C SER B 251 -10.56 -7.79 -6.81
N HIS B 252 -11.78 -7.88 -6.26
CA HIS B 252 -12.94 -8.18 -7.10
C HIS B 252 -13.34 -7.06 -8.04
N LEU B 253 -12.82 -5.84 -7.88
CA LEU B 253 -13.09 -4.75 -8.80
C LEU B 253 -12.01 -4.59 -9.86
N MET B 254 -11.11 -5.56 -10.03
CA MET B 254 -10.00 -5.39 -10.95
C MET B 254 -10.49 -5.29 -12.40
N HIS B 255 -9.83 -4.44 -13.17
CA HIS B 255 -10.02 -4.38 -14.62
C HIS B 255 -8.79 -3.75 -15.23
N ASP B 256 -8.56 -4.07 -16.51
CA ASP B 256 -7.34 -3.69 -17.21
C ASP B 256 -7.56 -2.64 -18.29
N GLY B 257 -8.70 -1.95 -18.26
CA GLY B 257 -9.03 -0.99 -19.29
C GLY B 257 -9.45 -1.58 -20.62
N LYS B 258 -9.50 -2.90 -20.73
CA LYS B 258 -9.97 -3.62 -21.92
C LYS B 258 -11.12 -4.57 -21.62
N ASP B 259 -11.04 -5.32 -20.53
CA ASP B 259 -12.08 -6.27 -20.18
C ASP B 259 -12.81 -5.79 -18.93
N PRO B 260 -14.03 -5.27 -19.04
CA PRO B 260 -14.78 -4.88 -17.85
C PRO B 260 -15.03 -6.04 -16.90
N ASP B 261 -15.05 -7.28 -17.39
CA ASP B 261 -15.26 -8.47 -16.58
C ASP B 261 -13.96 -9.21 -16.32
N LEU B 262 -12.87 -8.47 -16.11
CA LEU B 262 -11.55 -9.10 -15.95
C LEU B 262 -11.52 -10.02 -14.73
N PHE B 263 -12.12 -9.59 -13.62
CA PHE B 263 -12.10 -10.41 -12.42
C PHE B 263 -12.84 -11.73 -12.62
N GLN B 264 -14.04 -11.67 -13.18
CA GLN B 264 -14.81 -12.88 -13.44
C GLN B 264 -14.07 -13.81 -14.38
N HIS B 265 -13.41 -13.26 -15.41
CA HIS B 265 -12.68 -14.09 -16.35
C HIS B 265 -11.40 -14.65 -15.71
N PHE B 266 -10.71 -13.83 -14.91
CA PHE B 266 -9.54 -14.34 -14.19
C PHE B 266 -9.95 -15.40 -13.16
N SER B 267 -11.05 -15.17 -12.45
CA SER B 267 -11.50 -16.14 -11.45
C SER B 267 -11.84 -17.48 -12.10
N ALA B 268 -12.46 -17.45 -13.27
CA ALA B 268 -12.79 -18.70 -13.96
C ALA B 268 -11.54 -19.47 -14.34
N VAL B 269 -10.53 -18.77 -14.87
CA VAL B 269 -9.27 -19.44 -15.22
C VAL B 269 -8.59 -19.98 -13.97
N SER B 270 -8.56 -19.18 -12.90
CA SER B 270 -7.90 -19.62 -11.68
C SER B 270 -8.58 -20.84 -11.06
N GLN B 271 -9.91 -20.83 -11.02
CA GLN B 271 -10.63 -21.96 -10.44
C GLN B 271 -10.63 -23.16 -11.37
N ARG B 272 -10.59 -22.94 -12.69
CA ARG B 272 -10.47 -24.05 -13.62
C ARG B 272 -9.20 -24.84 -13.37
N LEU B 273 -8.13 -24.17 -12.99
CA LEU B 273 -6.85 -24.81 -12.70
C LEU B 273 -6.80 -25.43 -11.31
N GLY B 274 -7.86 -25.31 -10.52
CA GLY B 274 -7.88 -25.84 -9.17
C GLY B 274 -7.35 -24.93 -8.10
N ILE B 275 -7.30 -23.63 -8.34
CA ILE B 275 -6.78 -22.66 -7.39
C ILE B 275 -7.97 -22.04 -6.66
N TYR B 276 -8.14 -22.41 -5.39
CA TYR B 276 -9.24 -21.96 -4.53
C TYR B 276 -10.58 -22.04 -5.26
N THR B 277 -11.04 -23.29 -5.41
CA THR B 277 -12.32 -23.55 -6.05
C THR B 277 -13.46 -23.26 -5.08
N ALA B 278 -14.68 -23.35 -5.61
CA ALA B 278 -15.87 -23.21 -4.76
C ALA B 278 -15.91 -24.29 -3.69
N ARG B 279 -15.41 -25.48 -4.00
CA ARG B 279 -15.35 -26.55 -3.00
C ARG B 279 -14.43 -26.15 -1.85
N GLU B 280 -13.33 -25.46 -2.16
CA GLU B 280 -12.39 -25.05 -1.12
C GLU B 280 -12.88 -23.82 -0.36
N TYR B 281 -13.74 -23.00 -0.97
CA TYR B 281 -14.43 -21.96 -0.23
C TYR B 281 -15.25 -22.55 0.90
N THR B 282 -15.91 -23.68 0.63
CA THR B 282 -16.66 -24.36 1.68
C THR B 282 -15.74 -25.05 2.67
N ASP B 283 -14.59 -25.55 2.21
CA ASP B 283 -13.61 -26.16 3.10
C ASP B 283 -13.14 -25.17 4.16
N VAL B 284 -12.95 -23.91 3.78
CA VAL B 284 -12.51 -22.89 4.73
C VAL B 284 -13.57 -22.67 5.81
N LEU B 285 -14.84 -22.57 5.39
CA LEU B 285 -15.92 -22.40 6.36
C LEU B 285 -15.98 -23.56 7.34
N GLU B 286 -15.90 -24.79 6.83
CA GLU B 286 -15.94 -25.96 7.71
C GLU B 286 -14.76 -25.96 8.67
N HIS B 287 -13.58 -25.54 8.21
CA HIS B 287 -12.43 -25.47 9.10
C HIS B 287 -12.63 -24.41 10.18
N LEU B 288 -13.12 -23.22 9.79
CA LEU B 288 -13.32 -22.16 10.77
C LEU B 288 -14.43 -22.51 11.75
N ILE B 289 -15.47 -23.22 11.29
CA ILE B 289 -16.50 -23.71 12.20
C ILE B 289 -15.91 -24.64 13.24
N ALA B 290 -15.05 -25.57 12.81
CA ALA B 290 -14.44 -26.50 13.74
C ALA B 290 -13.38 -25.81 14.60
N ARG B 291 -12.59 -24.92 14.00
CA ARG B 291 -11.55 -24.24 14.76
C ARG B 291 -12.14 -23.33 15.83
N TRP B 292 -13.17 -22.56 15.48
CA TRP B 292 -13.81 -21.68 16.43
C TRP B 292 -14.86 -22.38 17.29
N GLY B 293 -15.14 -23.65 17.01
CA GLY B 293 -16.18 -24.37 17.74
C GLY B 293 -17.54 -23.71 17.63
N VAL B 294 -17.92 -23.29 16.42
CA VAL B 294 -19.16 -22.54 16.22
C VAL B 294 -20.37 -23.38 16.61
N ASP B 295 -20.31 -24.69 16.36
CA ASP B 295 -21.43 -25.57 16.66
C ASP B 295 -21.54 -25.94 18.13
N LYS B 296 -20.56 -25.55 18.96
CA LYS B 296 -20.55 -25.90 20.37
C LYS B 296 -20.69 -24.70 21.29
N ILE B 297 -20.88 -23.50 20.74
CA ILE B 297 -20.96 -22.31 21.58
C ILE B 297 -22.30 -22.30 22.32
N MET B 298 -22.23 -22.15 23.63
CA MET B 298 -23.41 -22.12 24.50
C MET B 298 -23.61 -20.71 25.05
N GLY B 299 -24.76 -20.50 25.68
CA GLY B 299 -25.07 -19.22 26.27
C GLY B 299 -25.45 -18.13 25.30
N LEU B 300 -26.02 -18.50 24.17
CA LEU B 300 -26.50 -17.57 23.16
C LEU B 300 -27.96 -17.23 23.41
N ARG B 301 -28.36 -16.06 22.93
CA ARG B 301 -29.77 -15.68 22.98
C ARG B 301 -30.44 -16.18 21.71
N ASP B 302 -31.69 -15.79 21.49
CA ASP B 302 -32.41 -16.29 20.32
C ASP B 302 -31.79 -15.79 19.03
N GLU B 303 -31.36 -14.52 19.00
CA GLU B 303 -30.74 -13.99 17.80
C GLU B 303 -29.41 -14.68 17.50
N GLY B 304 -28.59 -14.89 18.54
CA GLY B 304 -27.34 -15.62 18.34
C GLY B 304 -27.56 -17.08 18.02
N ARG B 305 -28.64 -17.67 18.55
CA ARG B 305 -28.96 -19.06 18.26
C ARG B 305 -29.35 -19.24 16.80
N ARG B 306 -30.12 -18.29 16.24
CA ARG B 306 -30.46 -18.34 14.83
C ARG B 306 -29.22 -18.15 13.96
N ALA B 307 -28.32 -17.26 14.37
CA ALA B 307 -27.07 -17.09 13.65
C ALA B 307 -26.22 -18.35 13.71
N GLN B 308 -26.19 -19.01 14.87
CA GLN B 308 -25.43 -20.25 14.99
C GLN B 308 -25.99 -21.35 14.10
N ASP B 309 -27.31 -21.49 14.08
CA ASP B 309 -27.94 -22.50 13.23
C ASP B 309 -27.78 -22.19 11.75
N TYR B 310 -27.76 -20.90 11.39
CA TYR B 310 -27.56 -20.52 10.00
C TYR B 310 -26.16 -20.89 9.53
N VAL B 311 -25.13 -20.51 10.30
CA VAL B 311 -23.75 -20.74 9.88
C VAL B 311 -23.45 -22.23 9.80
N CYS B 312 -23.87 -22.98 10.82
CA CYS B 312 -23.59 -24.41 10.85
C CYS B 312 -24.39 -25.19 9.81
N GLY B 313 -25.47 -24.63 9.29
CA GLY B 313 -26.21 -25.26 8.21
C GLY B 313 -25.68 -24.96 6.82
N LEU B 314 -24.80 -23.98 6.70
CA LEU B 314 -24.27 -23.60 5.39
C LEU B 314 -23.44 -24.69 4.71
N PRO B 315 -22.53 -25.39 5.40
CA PRO B 315 -21.71 -26.40 4.68
C PRO B 315 -22.53 -27.44 3.94
N SER B 316 -23.61 -27.95 4.52
CA SER B 316 -24.41 -28.96 3.83
C SER B 316 -25.09 -28.38 2.59
N ARG B 317 -25.56 -27.14 2.67
CA ARG B 317 -26.18 -26.51 1.52
C ARG B 317 -25.16 -26.25 0.40
N PHE B 318 -23.92 -25.91 0.78
CA PHE B 318 -22.91 -25.62 -0.23
C PHE B 318 -22.48 -26.88 -0.96
N ARG B 319 -22.41 -28.01 -0.25
CA ARG B 319 -22.01 -29.26 -0.88
C ARG B 319 -23.04 -29.70 -1.92
N ARG B 320 -24.32 -29.45 -1.65
CA ARG B 320 -25.36 -29.82 -2.60
C ARG B 320 -25.27 -29.00 -3.87
N VAL B 321 -24.89 -27.72 -3.75
CA VAL B 321 -24.67 -26.89 -4.93
C VAL B 321 -23.47 -27.39 -5.72
N GLU B 322 -22.44 -27.86 -5.01
CA GLU B 322 -21.25 -28.37 -5.69
C GLU B 322 -21.51 -29.70 -6.38
N GLU B 323 -22.39 -30.54 -5.81
CA GLU B 323 -22.72 -31.80 -6.46
C GLU B 323 -23.47 -31.57 -7.77
N LYS B 324 -24.40 -30.61 -7.77
CA LYS B 324 -25.11 -30.27 -9.00
C LYS B 324 -24.17 -29.63 -10.02
N ALA B 325 -23.18 -28.88 -9.56
CA ALA B 325 -22.19 -28.31 -10.48
C ALA B 325 -21.27 -29.38 -11.04
N GLN B 326 -21.09 -30.48 -10.31
CA GLN B 326 -20.23 -31.56 -10.80
C GLN B 326 -20.89 -32.34 -11.92
N ALA B 327 -22.22 -32.34 -11.98
CA ALA B 327 -22.94 -33.07 -13.01
C ALA B 327 -23.27 -32.20 -14.22
N TRP B 328 -23.62 -30.93 -13.97
CA TRP B 328 -24.04 -30.01 -15.03
C TRP B 328 -23.18 -28.74 -14.94
N ALA B 329 -21.89 -28.90 -15.23
CA ALA B 329 -20.98 -27.77 -15.22
C ALA B 329 -21.13 -26.94 -16.49
N GLU B 330 -20.90 -25.64 -16.35
CA GLU B 330 -20.98 -24.75 -17.51
C GLU B 330 -19.79 -24.97 -18.43
N LYS B 331 -20.03 -24.86 -19.73
CA LYS B 331 -18.97 -25.04 -20.71
C LYS B 331 -17.91 -23.94 -20.56
N VAL B 332 -16.65 -24.34 -20.66
CA VAL B 332 -15.56 -23.40 -20.49
C VAL B 332 -15.53 -22.43 -21.67
N SER B 333 -15.55 -21.13 -21.36
CA SER B 333 -15.40 -20.09 -22.36
C SER B 333 -13.98 -19.55 -22.34
N HIS B 334 -13.44 -19.29 -23.52
CA HIS B 334 -12.09 -18.76 -23.66
C HIS B 334 -12.17 -17.30 -24.11
N VAL B 335 -11.44 -16.43 -23.41
CA VAL B 335 -11.56 -14.99 -23.64
C VAL B 335 -10.16 -14.38 -23.74
N PRO B 336 -9.99 -13.27 -24.45
CA PRO B 336 -8.66 -12.63 -24.51
C PRO B 336 -8.28 -12.01 -23.17
N PHE B 337 -6.98 -12.02 -22.91
CA PHE B 337 -6.41 -11.42 -21.70
C PHE B 337 -5.30 -10.46 -22.11
N SER B 338 -5.46 -9.18 -21.80
CA SER B 338 -4.41 -8.21 -22.06
C SER B 338 -3.15 -8.50 -21.26
N TRP B 339 -3.26 -9.24 -20.15
CA TRP B 339 -2.08 -9.62 -19.39
C TRP B 339 -1.11 -10.45 -20.23
N VAL B 340 -1.64 -11.31 -21.10
CA VAL B 340 -0.80 -12.17 -21.93
C VAL B 340 -0.87 -11.71 -23.37
N PHE B 341 -0.80 -10.39 -23.58
CA PHE B 341 -0.71 -9.78 -24.91
C PHE B 341 -1.96 -10.04 -25.75
N GLY B 342 -3.12 -10.11 -25.11
CA GLY B 342 -4.37 -10.23 -25.83
C GLY B 342 -4.71 -11.63 -26.32
N ARG B 343 -3.89 -12.63 -26.00
CA ARG B 343 -4.17 -13.98 -26.46
C ARG B 343 -5.40 -14.55 -25.76
N THR B 344 -6.09 -15.45 -26.44
CA THR B 344 -7.31 -16.05 -25.91
C THR B 344 -6.94 -17.17 -24.95
N VAL B 345 -7.46 -17.10 -23.73
CA VAL B 345 -7.15 -18.09 -22.71
C VAL B 345 -8.42 -18.79 -22.23
#